data_4KB8
#
_entry.id   4KB8
#
_cell.length_a   49.014
_cell.length_b   84.541
_cell.length_c   89.515
_cell.angle_alpha   107.90
_cell.angle_beta   105.87
_cell.angle_gamma   93.08
#
_symmetry.space_group_name_H-M   'P 1'
#
loop_
_entity.id
_entity.type
_entity.pdbx_description
1 polymer 'Casein kinase I isoform delta'
2 non-polymer 1-{4-[3-(4-fluorophenyl)-1-methyl-1H-pyrazol-4-yl]pyridin-2-yl}-N-methylmethanamine
3 non-polymer 'SULFATE ION'
4 non-polymer N-benzyl-4-(pyridin-3-yl)pyrimidin-2-amine
5 water water
#
_entity_poly.entity_id   1
_entity_poly.type   'polypeptide(L)'
_entity_poly.pdbx_seq_one_letter_code
;MHHHHHHSSGLVPRGSLRVGNRYRLGRKIGSGSFGDIYLGTDIAAGEEVAIKLECVKTKHPQLHIESKIYKMMQGGVGIP
TIRWCGAEGDYNVMVMELLGPSLEDLFNFCSRKFSLKTVLLLADQMISRIEYIHSKNFIHRDVKPDNFLMGLGKKGNLVY
IIDFGLAKKYRDARTHQHIPYRENKNLTGTARYASINTHLGIEQSRRDDLESLGYVLMYFNLGSLPWQGLKAATKRQKYE
RISEKKMSTPIEVLCKGYPSEFATYLNFCRSLRFDDKPDYSYLRQLFRNLFHRQGFSYDYVFDWNMLKFGASRAADDAER
ERRDREERLRH
;
_entity_poly.pdbx_strand_id   A,B,C,D
#
# COMPACT_ATOMS: atom_id res chain seq x y z
N LEU A 17 12.26 31.50 42.12
CA LEU A 17 11.89 30.39 42.99
C LEU A 17 12.63 29.10 42.62
N ARG A 18 13.23 28.40 43.62
CA ARG A 18 13.98 27.17 43.39
C ARG A 18 13.06 25.97 43.12
N VAL A 19 13.41 25.17 42.10
CA VAL A 19 12.68 23.97 41.66
C VAL A 19 13.67 22.83 41.42
N GLY A 20 13.44 21.70 42.09
CA GLY A 20 14.24 20.47 41.99
C GLY A 20 15.75 20.63 42.04
N ASN A 21 16.27 21.45 43.00
CA ASN A 21 17.69 21.73 43.25
C ASN A 21 18.49 22.48 42.16
N ARG A 22 18.08 22.41 40.88
CA ARG A 22 18.81 23.06 39.79
C ARG A 22 18.02 24.02 38.90
N TYR A 23 16.70 24.12 39.11
CA TYR A 23 15.89 25.01 38.25
C TYR A 23 15.39 26.22 38.99
N ARG A 24 15.37 27.36 38.30
CA ARG A 24 14.87 28.62 38.80
C ARG A 24 13.58 28.94 38.03
N LEU A 25 12.46 29.07 38.76
CA LEU A 25 11.15 29.33 38.17
C LEU A 25 10.97 30.80 37.83
N GLY A 26 10.48 31.05 36.61
CA GLY A 26 10.21 32.37 36.07
C GLY A 26 8.71 32.62 35.94
N ARG A 27 8.29 33.42 34.95
CA ARG A 27 6.88 33.77 34.77
C ARG A 27 6.09 32.89 33.81
N LYS A 28 4.75 32.87 34.01
CA LYS A 28 3.77 32.10 33.24
C LYS A 28 3.81 32.46 31.78
N ILE A 29 3.88 31.46 30.91
CA ILE A 29 3.92 31.66 29.46
C ILE A 29 2.48 31.58 28.95
N GLY A 30 1.82 30.48 29.26
CA GLY A 30 0.44 30.24 28.85
C GLY A 30 -0.17 29.10 29.62
N SER A 31 -0.86 28.21 28.90
CA SER A 31 -1.51 27.07 29.51
C SER A 31 -1.58 25.88 28.55
N GLY A 32 -1.49 24.70 29.13
CA GLY A 32 -1.62 23.45 28.42
C GLY A 32 -2.88 22.76 28.88
N SER A 33 -3.08 21.51 28.46
CA SER A 33 -4.24 20.81 28.96
C SER A 33 -3.84 20.32 30.36
N PHE A 34 -4.62 20.70 31.38
CA PHE A 34 -4.42 20.32 32.78
C PHE A 34 -3.19 20.94 33.49
N GLY A 35 -2.78 22.14 33.09
CA GLY A 35 -1.65 22.82 33.74
C GLY A 35 -1.07 24.02 33.04
N ASP A 36 -0.60 25.01 33.83
CA ASP A 36 0.03 26.25 33.35
C ASP A 36 1.51 26.01 33.03
N ILE A 37 1.99 26.74 32.03
CA ILE A 37 3.38 26.69 31.56
C ILE A 37 4.09 27.97 32.06
N TYR A 38 5.38 27.85 32.50
CA TYR A 38 6.22 28.94 32.99
C TYR A 38 7.62 28.91 32.34
N LEU A 39 8.33 30.06 32.31
CA LEU A 39 9.71 30.14 31.83
C LEU A 39 10.60 29.69 32.99
N GLY A 40 11.76 29.15 32.68
CA GLY A 40 12.70 28.72 33.71
C GLY A 40 14.13 28.69 33.25
N THR A 41 15.05 28.46 34.17
CA THR A 41 16.47 28.32 33.86
C THR A 41 17.03 27.07 34.51
N ASP A 42 17.75 26.26 33.73
CA ASP A 42 18.49 25.15 34.27
C ASP A 42 19.80 25.82 34.72
N ILE A 43 19.92 26.05 36.03
CA ILE A 43 21.07 26.72 36.66
C ILE A 43 22.39 25.95 36.42
N ALA A 44 22.35 24.60 36.51
CA ALA A 44 23.54 23.78 36.34
C ALA A 44 24.08 23.72 34.91
N ALA A 45 23.19 23.65 33.91
CA ALA A 45 23.56 23.56 32.50
C ALA A 45 23.66 24.90 31.76
N GLY A 46 23.13 25.97 32.35
CA GLY A 46 23.12 27.30 31.74
C GLY A 46 22.23 27.33 30.51
N GLU A 47 20.97 26.87 30.67
CA GLU A 47 20.01 26.81 29.58
C GLU A 47 18.62 27.19 30.06
N GLU A 48 17.86 27.90 29.22
CA GLU A 48 16.48 28.28 29.55
C GLU A 48 15.62 27.08 29.28
N VAL A 49 14.58 26.90 30.09
CA VAL A 49 13.67 25.75 29.99
C VAL A 49 12.23 26.23 30.05
N ALA A 50 11.29 25.32 29.81
CA ALA A 50 9.85 25.54 29.95
C ALA A 50 9.36 24.58 31.05
N ILE A 51 8.60 25.10 32.01
CA ILE A 51 8.15 24.32 33.18
C ILE A 51 6.62 24.24 33.25
N LYS A 52 6.07 23.01 33.37
CA LYS A 52 4.64 22.77 33.50
C LYS A 52 4.37 22.39 34.95
N LEU A 53 3.41 23.07 35.57
CA LEU A 53 3.01 22.88 36.96
C LEU A 53 1.59 22.32 37.08
N GLU A 54 1.38 21.37 38.00
CA GLU A 54 0.08 20.74 38.26
C GLU A 54 -0.08 20.65 39.79
N CYS A 55 -1.23 21.12 40.32
CA CYS A 55 -1.48 21.05 41.76
C CYS A 55 -1.49 19.61 42.24
N VAL A 56 -0.63 19.30 43.23
CA VAL A 56 -0.46 17.96 43.81
C VAL A 56 -1.83 17.33 44.20
N LYS A 57 -2.69 18.15 44.79
CA LYS A 57 -4.01 17.79 45.31
C LYS A 57 -5.20 17.78 44.34
N THR A 58 -4.98 18.04 43.02
CA THR A 58 -6.06 17.98 42.03
C THR A 58 -6.74 16.63 42.05
N LYS A 59 -8.08 16.62 41.84
CA LYS A 59 -8.92 15.42 41.87
C LYS A 59 -8.45 14.35 40.87
N HIS A 60 -8.03 14.79 39.68
CA HIS A 60 -7.58 13.92 38.59
C HIS A 60 -6.10 14.18 38.23
N PRO A 61 -5.11 13.66 39.00
CA PRO A 61 -3.70 13.89 38.61
C PRO A 61 -3.37 13.27 37.25
N GLN A 62 -2.67 14.05 36.40
CA GLN A 62 -2.36 13.69 35.02
C GLN A 62 -0.90 13.99 34.63
N LEU A 63 -0.21 14.90 35.37
CA LEU A 63 1.17 15.29 35.03
C LEU A 63 2.12 14.12 34.89
N HIS A 64 2.07 13.18 35.83
CA HIS A 64 2.93 12.01 35.82
C HIS A 64 2.53 11.04 34.70
N ILE A 65 1.23 10.93 34.37
CA ILE A 65 0.84 10.08 33.26
C ILE A 65 1.41 10.62 31.94
N GLU A 66 1.28 11.96 31.73
CA GLU A 66 1.78 12.66 30.54
C GLU A 66 3.31 12.54 30.41
N SER A 67 4.06 12.61 31.54
CA SER A 67 5.53 12.46 31.57
C SER A 67 5.96 11.08 31.05
N LYS A 68 5.20 10.03 31.40
CA LYS A 68 5.39 8.65 30.94
C LYS A 68 5.18 8.57 29.42
N ILE A 69 4.19 9.33 28.86
CA ILE A 69 3.93 9.38 27.40
C ILE A 69 5.12 10.05 26.71
N TYR A 70 5.54 11.23 27.20
CA TYR A 70 6.71 11.94 26.64
C TYR A 70 7.95 11.02 26.65
N LYS A 71 8.18 10.30 27.77
CA LYS A 71 9.30 9.36 27.99
C LYS A 71 9.29 8.25 26.94
N MET A 72 8.10 7.65 26.68
CA MET A 72 7.91 6.62 25.67
C MET A 72 8.18 7.18 24.26
N MET A 73 7.83 8.46 24.01
CA MET A 73 7.99 9.15 22.71
C MET A 73 9.43 9.66 22.46
N GLN A 74 10.31 9.67 23.50
CA GLN A 74 11.69 10.17 23.37
C GLN A 74 12.46 9.48 22.25
N GLY A 75 13.27 10.24 21.53
CA GLY A 75 14.01 9.69 20.41
C GLY A 75 13.39 10.00 19.06
N GLY A 76 12.07 10.19 19.04
CA GLY A 76 11.32 10.56 17.85
C GLY A 76 11.63 11.98 17.46
N VAL A 77 11.69 12.25 16.15
CA VAL A 77 12.01 13.58 15.63
C VAL A 77 10.86 14.53 16.06
N GLY A 78 11.20 15.70 16.59
CA GLY A 78 10.17 16.67 16.95
C GLY A 78 9.37 16.33 18.18
N ILE A 79 9.94 15.48 19.02
CA ILE A 79 9.36 15.14 20.32
C ILE A 79 10.26 15.90 21.32
N PRO A 80 9.72 16.88 22.07
CA PRO A 80 10.56 17.63 23.02
C PRO A 80 11.13 16.76 24.12
N THR A 81 12.35 17.09 24.55
CA THR A 81 13.05 16.39 25.64
C THR A 81 12.48 16.90 26.96
N ILE A 82 12.18 15.96 27.84
CA ILE A 82 11.75 16.23 29.22
C ILE A 82 13.00 16.07 30.12
N ARG A 83 13.43 17.19 30.75
CA ARG A 83 14.68 17.25 31.51
C ARG A 83 14.60 16.72 32.97
N TRP A 84 13.46 16.95 33.65
CA TRP A 84 13.20 16.55 35.03
C TRP A 84 11.70 16.50 35.29
N CYS A 85 11.30 15.63 36.26
CA CYS A 85 9.94 15.44 36.71
C CYS A 85 10.00 15.17 38.21
N GLY A 86 9.12 15.82 38.98
CA GLY A 86 9.06 15.67 40.43
C GLY A 86 7.98 16.52 41.08
N ALA A 87 8.04 16.63 42.41
CA ALA A 87 7.07 17.43 43.16
C ALA A 87 7.80 18.48 44.00
N GLU A 88 7.28 19.71 44.01
CA GLU A 88 7.85 20.87 44.70
C GLU A 88 6.66 21.63 45.30
N GLY A 89 6.69 21.81 46.62
CA GLY A 89 5.62 22.49 47.36
C GLY A 89 4.22 21.99 47.05
N ASP A 90 3.38 22.89 46.53
CA ASP A 90 1.98 22.58 46.17
C ASP A 90 1.83 22.00 44.77
N TYR A 91 2.95 21.80 44.03
CA TYR A 91 2.87 21.36 42.63
C TYR A 91 3.67 20.14 42.24
N ASN A 92 3.18 19.48 41.18
CA ASN A 92 3.82 18.41 40.44
C ASN A 92 4.51 19.21 39.30
N VAL A 93 5.77 18.90 39.02
CA VAL A 93 6.60 19.68 38.12
C VAL A 93 7.18 18.86 36.99
N MET A 94 7.02 19.33 35.75
CA MET A 94 7.64 18.73 34.58
C MET A 94 8.47 19.81 33.88
N VAL A 95 9.74 19.49 33.61
CA VAL A 95 10.65 20.44 32.95
C VAL A 95 10.97 19.97 31.54
N MET A 96 10.75 20.85 30.57
CA MET A 96 10.98 20.53 29.17
C MET A 96 11.98 21.55 28.58
N GLU A 97 12.71 21.14 27.55
CA GLU A 97 13.61 22.04 26.83
C GLU A 97 12.77 23.19 26.27
N LEU A 98 13.37 24.36 26.13
CA LEU A 98 12.65 25.50 25.61
C LEU A 98 12.49 25.39 24.10
N LEU A 99 11.26 25.56 23.64
CA LEU A 99 10.93 25.51 22.21
C LEU A 99 10.50 26.91 21.81
N GLY A 100 10.37 27.16 20.51
CA GLY A 100 9.97 28.44 19.98
C GLY A 100 8.48 28.65 19.95
N PRO A 101 8.00 29.63 19.14
CA PRO A 101 6.55 29.88 19.13
C PRO A 101 5.74 28.78 18.47
N SER A 102 4.45 28.71 18.81
CA SER A 102 3.52 27.75 18.21
C SER A 102 3.20 28.19 16.77
N LEU A 103 2.63 27.30 15.96
CA LEU A 103 2.20 27.65 14.60
C LEU A 103 1.06 28.67 14.64
N GLU A 104 0.22 28.67 15.71
CA GLU A 104 -0.84 29.67 15.88
C GLU A 104 -0.19 31.07 16.08
N ASP A 105 0.84 31.17 16.95
CA ASP A 105 1.57 32.42 17.19
C ASP A 105 2.21 32.90 15.91
N LEU A 106 2.86 31.98 15.16
CA LEU A 106 3.54 32.34 13.90
C LEU A 106 2.55 32.74 12.81
N PHE A 107 1.38 32.09 12.77
CA PHE A 107 0.33 32.42 11.80
C PHE A 107 -0.16 33.85 12.03
N ASN A 108 -0.43 34.22 13.30
CA ASN A 108 -0.83 35.57 13.72
C ASN A 108 0.24 36.60 13.42
N PHE A 109 1.52 36.25 13.65
CA PHE A 109 2.65 37.13 13.36
C PHE A 109 2.79 37.38 11.85
N CYS A 110 2.35 36.39 11.01
CA CYS A 110 2.39 36.49 9.55
C CYS A 110 1.09 37.03 8.95
N SER A 111 0.28 37.73 9.78
CA SER A 111 -1.00 38.36 9.40
C SER A 111 -2.05 37.35 8.93
N ARG A 112 -2.01 36.14 9.50
CA ARG A 112 -2.93 35.05 9.20
C ARG A 112 -2.92 34.64 7.72
N LYS A 113 -1.72 34.64 7.14
CA LYS A 113 -1.50 34.26 5.75
C LYS A 113 -0.16 33.55 5.61
N PHE A 114 -0.20 32.30 5.14
CA PHE A 114 0.99 31.48 4.86
C PHE A 114 1.03 31.19 3.36
N SER A 115 2.23 31.26 2.74
CA SER A 115 2.37 30.92 1.30
C SER A 115 2.12 29.42 1.16
N LEU A 116 1.86 28.97 -0.05
CA LEU A 116 1.64 27.54 -0.30
C LEU A 116 2.88 26.74 0.09
N LYS A 117 4.10 27.26 -0.19
CA LYS A 117 5.35 26.58 0.16
C LYS A 117 5.41 26.33 1.67
N THR A 118 5.09 27.35 2.50
CA THR A 118 5.08 27.20 3.96
C THR A 118 4.08 26.09 4.39
N VAL A 119 2.84 26.15 3.90
CA VAL A 119 1.82 25.14 4.20
C VAL A 119 2.33 23.71 3.87
N LEU A 120 2.97 23.54 2.72
CA LEU A 120 3.50 22.22 2.29
C LEU A 120 4.70 21.77 3.11
N LEU A 121 5.60 22.69 3.49
CA LEU A 121 6.74 22.35 4.37
C LEU A 121 6.21 21.87 5.74
N LEU A 122 5.17 22.56 6.26
CA LEU A 122 4.54 22.23 7.54
C LEU A 122 3.78 20.91 7.45
N ALA A 123 3.00 20.71 6.38
CA ALA A 123 2.23 19.47 6.19
C ALA A 123 3.16 18.24 6.24
N ASP A 124 4.30 18.27 5.52
CA ASP A 124 5.25 17.14 5.47
C ASP A 124 5.68 16.66 6.85
N GLN A 125 6.12 17.61 7.69
CA GLN A 125 6.57 17.35 9.06
C GLN A 125 5.41 16.92 9.97
N MET A 126 4.29 17.63 9.89
CA MET A 126 3.10 17.39 10.73
C MET A 126 2.50 15.99 10.52
N ILE A 127 2.51 15.48 9.27
CA ILE A 127 2.02 14.12 8.97
C ILE A 127 2.97 13.13 9.67
N SER A 128 4.29 13.39 9.57
CA SER A 128 5.33 12.55 10.22
C SER A 128 5.25 12.54 11.73
N ARG A 129 4.90 13.69 12.35
CA ARG A 129 4.76 13.76 13.81
C ARG A 129 3.61 12.87 14.25
N ILE A 130 2.48 12.97 13.53
CA ILE A 130 1.28 12.17 13.82
C ILE A 130 1.56 10.67 13.64
N GLU A 131 2.27 10.30 12.55
CA GLU A 131 2.63 8.91 12.27
C GLU A 131 3.48 8.32 13.40
N TYR A 132 4.45 9.10 13.91
CA TYR A 132 5.30 8.67 15.00
C TYR A 132 4.50 8.36 16.26
N ILE A 133 3.58 9.25 16.65
CA ILE A 133 2.73 9.08 17.83
C ILE A 133 1.91 7.78 17.67
N HIS A 134 1.37 7.54 16.47
CA HIS A 134 0.58 6.34 16.14
C HIS A 134 1.44 5.07 16.20
N SER A 135 2.73 5.17 15.79
CA SER A 135 3.69 4.04 15.85
C SER A 135 3.99 3.67 17.31
N LYS A 136 3.75 4.61 18.24
CA LYS A 136 3.94 4.40 19.67
C LYS A 136 2.64 4.06 20.40
N ASN A 137 1.59 3.64 19.61
CA ASN A 137 0.29 3.13 20.11
C ASN A 137 -0.64 4.18 20.71
N PHE A 138 -0.37 5.44 20.44
CA PHE A 138 -1.19 6.52 20.96
C PHE A 138 -1.83 7.31 19.84
N ILE A 139 -2.97 7.93 20.14
CA ILE A 139 -3.63 8.92 19.26
C ILE A 139 -3.57 10.20 20.07
N HIS A 140 -3.31 11.33 19.42
CA HIS A 140 -3.12 12.63 20.09
C HIS A 140 -4.43 13.21 20.59
N ARG A 141 -5.45 13.23 19.70
CA ARG A 141 -6.83 13.69 19.94
C ARG A 141 -7.03 15.21 19.98
N ASP A 142 -5.94 15.99 19.93
CA ASP A 142 -6.07 17.45 19.92
C ASP A 142 -5.12 18.11 18.95
N VAL A 143 -5.15 17.65 17.70
CA VAL A 143 -4.33 18.19 16.61
C VAL A 143 -4.86 19.60 16.26
N LYS A 144 -4.07 20.65 16.61
CA LYS A 144 -4.43 22.05 16.36
C LYS A 144 -3.13 22.91 16.23
N PRO A 145 -3.15 24.15 15.64
CA PRO A 145 -1.90 24.93 15.50
C PRO A 145 -1.14 25.25 16.79
N ASP A 146 -1.86 25.46 17.91
CA ASP A 146 -1.14 25.79 19.13
C ASP A 146 -0.40 24.60 19.79
N ASN A 147 -0.63 23.37 19.29
CA ASN A 147 0.03 22.15 19.75
C ASN A 147 1.23 21.74 18.92
N PHE A 148 1.62 22.60 17.97
CA PHE A 148 2.80 22.41 17.16
C PHE A 148 3.70 23.62 17.39
N LEU A 149 4.94 23.39 17.83
CA LEU A 149 5.88 24.48 18.10
C LEU A 149 7.14 24.34 17.27
N MET A 150 7.69 25.46 16.77
CA MET A 150 8.96 25.40 16.05
C MET A 150 10.07 25.31 17.10
N GLY A 151 11.18 24.65 16.75
CA GLY A 151 12.31 24.56 17.68
C GLY A 151 13.06 25.89 17.71
N LEU A 152 14.13 25.96 18.50
CA LEU A 152 14.96 27.17 18.57
C LEU A 152 16.37 26.84 18.09
N GLY A 153 17.10 27.87 17.66
CA GLY A 153 18.48 27.81 17.20
C GLY A 153 18.72 26.80 16.08
N LYS A 154 19.54 25.77 16.38
CA LYS A 154 19.89 24.71 15.42
C LYS A 154 18.68 23.85 15.03
N LYS A 155 17.65 23.83 15.89
CA LYS A 155 16.41 23.07 15.69
C LYS A 155 15.28 23.95 15.18
N GLY A 156 15.61 25.16 14.73
CA GLY A 156 14.66 26.15 14.22
C GLY A 156 13.81 25.75 13.02
N ASN A 157 14.27 24.75 12.23
CA ASN A 157 13.55 24.24 11.05
C ASN A 157 12.59 23.11 11.41
N LEU A 158 12.68 22.62 12.65
CA LEU A 158 11.91 21.48 13.13
C LEU A 158 10.58 21.84 13.76
N VAL A 159 9.52 21.13 13.32
CA VAL A 159 8.18 21.27 13.89
C VAL A 159 8.14 20.26 15.03
N TYR A 160 7.79 20.71 16.23
CA TYR A 160 7.65 19.82 17.39
C TYR A 160 6.17 19.66 17.68
N ILE A 161 5.78 18.51 18.22
CA ILE A 161 4.39 18.28 18.61
C ILE A 161 4.39 18.25 20.16
N ILE A 162 3.42 18.94 20.75
CA ILE A 162 3.32 18.99 22.21
C ILE A 162 1.93 18.58 22.68
N ASP A 163 1.80 18.45 24.04
CA ASP A 163 0.58 18.19 24.76
C ASP A 163 -0.05 16.83 24.56
N PHE A 164 0.22 15.93 25.53
CA PHE A 164 -0.31 14.58 25.54
C PHE A 164 -1.36 14.42 26.61
N GLY A 165 -1.90 15.55 27.11
CA GLY A 165 -2.95 15.58 28.12
C GLY A 165 -4.23 14.89 27.70
N LEU A 166 -4.59 14.97 26.40
CA LEU A 166 -5.80 14.32 25.88
C LEU A 166 -5.52 13.00 25.15
N ALA A 167 -4.23 12.63 25.03
CA ALA A 167 -3.78 11.43 24.35
C ALA A 167 -4.31 10.15 24.97
N LYS A 168 -4.52 9.14 24.14
CA LYS A 168 -5.08 7.87 24.59
C LYS A 168 -4.41 6.73 23.80
N LYS A 169 -4.18 5.59 24.46
CA LYS A 169 -3.65 4.40 23.81
C LYS A 169 -4.80 3.84 22.91
N TYR A 170 -4.56 3.62 21.60
CA TYR A 170 -5.62 3.11 20.72
C TYR A 170 -5.48 1.60 20.51
N GLY A 189 -11.03 17.28 22.51
CA GLY A 189 -10.25 18.12 21.61
C GLY A 189 -10.88 19.48 21.40
N THR A 190 -10.51 20.15 20.31
CA THR A 190 -11.01 21.48 19.94
C THR A 190 -12.05 21.34 18.82
N ALA A 191 -13.24 21.93 19.01
CA ALA A 191 -14.37 21.88 18.07
C ALA A 191 -14.03 22.34 16.65
N ARG A 192 -13.23 23.43 16.50
CA ARG A 192 -12.86 23.96 15.17
C ARG A 192 -12.17 22.92 14.26
N TYR A 193 -11.30 22.07 14.84
CA TYR A 193 -10.53 21.08 14.10
C TYR A 193 -11.02 19.64 14.25
N ALA A 194 -12.09 19.42 15.02
CA ALA A 194 -12.63 18.08 15.21
C ALA A 194 -13.11 17.43 13.91
N SER A 195 -12.88 16.12 13.77
CA SER A 195 -13.34 15.34 12.63
C SER A 195 -14.87 15.26 12.68
N ILE A 196 -15.50 14.96 11.54
CA ILE A 196 -16.95 14.74 11.49
C ILE A 196 -17.34 13.57 12.42
N ASN A 197 -16.52 12.47 12.44
CA ASN A 197 -16.76 11.31 13.32
C ASN A 197 -16.81 11.75 14.80
N THR A 198 -15.96 12.72 15.19
CA THR A 198 -15.92 13.26 16.56
C THR A 198 -17.22 13.98 16.88
N HIS A 199 -17.68 14.86 15.97
CA HIS A 199 -18.96 15.57 16.15
C HIS A 199 -20.13 14.59 16.26
N LEU A 200 -20.01 13.42 15.58
CA LEU A 200 -21.02 12.36 15.67
C LEU A 200 -20.98 11.57 16.98
N GLY A 201 -19.92 11.77 17.77
CA GLY A 201 -19.72 11.13 19.06
C GLY A 201 -19.01 9.79 18.99
N ILE A 202 -18.36 9.50 17.86
CA ILE A 202 -17.62 8.25 17.67
C ILE A 202 -16.26 8.35 18.36
N GLU A 203 -15.79 7.23 18.96
CA GLU A 203 -14.47 7.09 19.57
C GLU A 203 -13.40 7.51 18.54
N GLN A 204 -12.47 8.38 18.94
CA GLN A 204 -11.42 8.85 18.06
C GLN A 204 -10.40 7.76 17.76
N SER A 205 -9.89 7.72 16.53
CA SER A 205 -8.87 6.76 16.14
C SER A 205 -7.83 7.48 15.29
N ARG A 206 -6.91 6.75 14.66
CA ARG A 206 -5.81 7.33 13.85
C ARG A 206 -6.29 8.30 12.77
N ARG A 207 -7.35 7.95 12.06
CA ARG A 207 -7.95 8.77 10.98
C ARG A 207 -8.39 10.16 11.44
N ASP A 208 -8.83 10.28 12.70
CA ASP A 208 -9.32 11.52 13.28
C ASP A 208 -8.21 12.53 13.51
N ASP A 209 -7.00 12.06 13.94
CA ASP A 209 -5.84 12.93 14.09
C ASP A 209 -5.47 13.49 12.69
N LEU A 210 -5.52 12.64 11.67
CA LEU A 210 -5.19 13.08 10.31
C LEU A 210 -6.25 13.99 9.68
N GLU A 211 -7.54 13.76 9.96
CA GLU A 211 -8.61 14.61 9.43
C GLU A 211 -8.47 16.00 10.04
N SER A 212 -8.18 16.11 11.38
CA SER A 212 -7.91 17.39 12.05
C SER A 212 -6.76 18.15 11.41
N LEU A 213 -5.67 17.45 11.06
CA LEU A 213 -4.55 18.09 10.37
C LEU A 213 -5.00 18.70 9.03
N GLY A 214 -5.90 18.02 8.35
CA GLY A 214 -6.45 18.47 7.08
C GLY A 214 -7.21 19.77 7.23
N TYR A 215 -7.95 19.94 8.35
CA TYR A 215 -8.64 21.22 8.64
C TYR A 215 -7.62 22.29 9.05
N VAL A 216 -6.54 21.89 9.76
CA VAL A 216 -5.45 22.80 10.15
C VAL A 216 -4.80 23.36 8.88
N LEU A 217 -4.52 22.48 7.90
CA LEU A 217 -3.92 22.90 6.62
C LEU A 217 -4.80 23.88 5.82
N MET A 218 -6.10 23.62 5.79
CA MET A 218 -7.03 24.51 5.12
C MET A 218 -7.20 25.84 5.86
N TYR A 219 -7.15 25.81 7.19
CA TYR A 219 -7.17 26.98 8.05
C TYR A 219 -5.98 27.91 7.71
N PHE A 220 -4.77 27.32 7.51
CA PHE A 220 -3.54 28.06 7.12
C PHE A 220 -3.69 28.67 5.73
N ASN A 221 -4.37 27.95 4.82
CA ASN A 221 -4.62 28.39 3.45
C ASN A 221 -5.63 29.54 3.40
N LEU A 222 -6.72 29.46 4.16
CA LEU A 222 -7.83 30.44 4.14
C LEU A 222 -7.71 31.64 5.09
N GLY A 223 -7.01 31.47 6.21
CA GLY A 223 -6.90 32.47 7.27
C GLY A 223 -7.97 32.23 8.32
N SER A 224 -8.99 31.43 7.96
CA SER A 224 -10.14 31.10 8.82
C SER A 224 -10.83 29.86 8.24
N LEU A 225 -11.69 29.20 9.03
CA LEU A 225 -12.50 28.08 8.55
C LEU A 225 -13.97 28.55 8.51
N PRO A 226 -14.82 27.99 7.62
CA PRO A 226 -16.21 28.48 7.52
C PRO A 226 -17.09 28.33 8.76
N TRP A 227 -16.73 27.40 9.66
CA TRP A 227 -17.46 27.10 10.89
C TRP A 227 -16.87 27.80 12.10
N GLN A 228 -15.91 28.70 11.86
CA GLN A 228 -15.24 29.50 12.87
C GLN A 228 -16.08 30.75 13.16
N GLY A 229 -16.14 31.13 14.43
CA GLY A 229 -16.84 32.32 14.89
C GLY A 229 -18.34 32.29 14.77
N LEU A 230 -18.95 31.10 14.92
CA LEU A 230 -20.41 30.97 14.89
C LEU A 230 -20.92 31.16 16.35
N LYS A 231 -21.99 31.93 16.54
CA LYS A 231 -22.58 32.10 17.87
C LYS A 231 -24.09 32.02 17.89
N GLU A 240 -22.31 21.84 18.00
CA GLU A 240 -23.71 22.22 17.80
C GLU A 240 -23.85 22.77 16.36
N ARG A 241 -23.69 24.09 16.22
CA ARG A 241 -23.68 24.82 14.95
C ARG A 241 -22.45 24.44 14.14
N ILE A 242 -21.32 24.11 14.80
CA ILE A 242 -20.07 23.75 14.11
C ILE A 242 -20.22 22.41 13.35
N SER A 243 -20.77 21.42 14.05
CA SER A 243 -21.07 20.09 13.49
C SER A 243 -21.94 20.24 12.22
N GLU A 244 -23.05 21.01 12.30
CA GLU A 244 -23.97 21.27 11.18
C GLU A 244 -23.29 21.95 10.01
N LYS A 245 -22.47 22.98 10.28
CA LYS A 245 -21.74 23.71 9.25
C LYS A 245 -20.68 22.84 8.56
N LYS A 246 -19.95 22.02 9.32
CA LYS A 246 -18.94 21.10 8.78
C LYS A 246 -19.60 20.07 7.86
N MET A 247 -20.71 19.46 8.33
CA MET A 247 -21.44 18.43 7.59
C MET A 247 -22.14 18.97 6.33
N SER A 248 -22.49 20.26 6.30
CA SER A 248 -23.14 20.87 5.15
C SER A 248 -22.17 21.59 4.19
N THR A 249 -20.86 21.58 4.49
CA THR A 249 -19.85 22.18 3.64
C THR A 249 -19.09 21.10 2.85
N PRO A 250 -19.39 20.89 1.54
CA PRO A 250 -18.63 19.88 0.78
C PRO A 250 -17.13 20.19 0.78
N ILE A 251 -16.27 19.13 0.79
CA ILE A 251 -14.81 19.30 0.78
C ILE A 251 -14.36 20.12 -0.46
N GLU A 252 -15.03 19.95 -1.61
CA GLU A 252 -14.71 20.71 -2.81
C GLU A 252 -14.99 22.21 -2.62
N VAL A 253 -16.01 22.57 -1.81
CA VAL A 253 -16.34 23.99 -1.53
C VAL A 253 -15.34 24.57 -0.50
N LEU A 254 -15.01 23.77 0.53
CA LEU A 254 -14.04 24.18 1.54
C LEU A 254 -12.69 24.49 0.85
N CYS A 255 -12.27 23.61 -0.06
CA CYS A 255 -10.96 23.71 -0.74
C CYS A 255 -10.94 24.46 -2.08
N LYS A 256 -12.07 25.09 -2.48
CA LYS A 256 -12.19 25.82 -3.74
C LYS A 256 -11.11 26.92 -3.88
N GLY A 257 -10.43 26.93 -5.03
CA GLY A 257 -9.38 27.90 -5.35
C GLY A 257 -8.01 27.48 -4.87
N TYR A 258 -7.92 26.32 -4.17
CA TYR A 258 -6.66 25.79 -3.65
C TYR A 258 -6.28 24.49 -4.36
N PRO A 259 -4.98 24.09 -4.42
CA PRO A 259 -4.64 22.83 -5.12
C PRO A 259 -5.48 21.64 -4.67
N SER A 260 -5.87 20.78 -5.64
CA SER A 260 -6.73 19.61 -5.41
C SER A 260 -6.24 18.69 -4.28
N GLU A 261 -4.90 18.68 -3.98
CA GLU A 261 -4.28 17.82 -2.98
C GLU A 261 -4.91 17.99 -1.59
N PHE A 262 -5.31 19.21 -1.22
CA PHE A 262 -5.95 19.47 0.08
C PHE A 262 -7.29 18.77 0.17
N ALA A 263 -8.04 18.74 -0.94
CA ALA A 263 -9.35 18.05 -1.02
C ALA A 263 -9.15 16.53 -1.03
N THR A 264 -8.18 16.03 -1.82
CA THR A 264 -7.83 14.60 -1.93
C THR A 264 -7.42 14.07 -0.56
N TYR A 265 -6.62 14.87 0.20
CA TYR A 265 -6.16 14.56 1.55
C TYR A 265 -7.38 14.35 2.47
N LEU A 266 -8.30 15.34 2.50
CA LEU A 266 -9.48 15.28 3.36
C LEU A 266 -10.44 14.15 2.99
N ASN A 267 -10.59 13.88 1.67
CA ASN A 267 -11.43 12.81 1.17
C ASN A 267 -10.88 11.45 1.59
N PHE A 268 -9.55 11.30 1.52
CA PHE A 268 -8.88 10.06 1.95
C PHE A 268 -9.10 9.81 3.44
N CYS A 269 -8.92 10.86 4.28
CA CYS A 269 -9.13 10.75 5.75
C CYS A 269 -10.56 10.36 6.10
N ARG A 270 -11.55 10.95 5.40
CA ARG A 270 -12.98 10.67 5.60
C ARG A 270 -13.36 9.28 5.10
N SER A 271 -12.55 8.68 4.23
CA SER A 271 -12.82 7.34 3.70
C SER A 271 -12.23 6.22 4.58
N LEU A 272 -11.32 6.57 5.48
CA LEU A 272 -10.68 5.60 6.39
C LEU A 272 -11.65 4.95 7.34
N ARG A 273 -11.49 3.64 7.55
CA ARG A 273 -12.32 2.88 8.50
C ARG A 273 -11.77 3.12 9.90
N PHE A 274 -12.61 2.86 10.92
CA PHE A 274 -12.24 3.06 12.31
C PHE A 274 -10.88 2.45 12.67
N ASP A 275 -10.65 1.16 12.36
CA ASP A 275 -9.39 0.49 12.74
C ASP A 275 -8.28 0.54 11.68
N ASP A 276 -8.51 1.24 10.55
CA ASP A 276 -7.55 1.33 9.46
C ASP A 276 -6.26 1.98 9.85
N LYS A 277 -5.14 1.41 9.38
CA LYS A 277 -3.83 1.99 9.49
C LYS A 277 -3.75 2.95 8.29
N PRO A 278 -3.62 4.28 8.52
CA PRO A 278 -3.57 5.20 7.38
C PRO A 278 -2.31 5.04 6.53
N ASP A 279 -2.43 5.35 5.25
CA ASP A 279 -1.26 5.28 4.37
C ASP A 279 -0.55 6.65 4.41
N TYR A 280 0.24 6.87 5.48
CA TYR A 280 0.98 8.12 5.74
C TYR A 280 1.90 8.52 4.60
N SER A 281 2.59 7.52 3.98
CA SER A 281 3.50 7.70 2.84
C SER A 281 2.75 8.28 1.65
N TYR A 282 1.54 7.77 1.37
CA TYR A 282 0.71 8.28 0.28
C TYR A 282 0.36 9.77 0.49
N LEU A 283 -0.05 10.13 1.71
CA LEU A 283 -0.45 11.49 2.07
C LEU A 283 0.75 12.46 1.98
N ARG A 284 1.96 12.04 2.44
CA ARG A 284 3.16 12.88 2.32
C ARG A 284 3.54 13.04 0.84
N GLN A 285 3.40 11.96 0.04
CA GLN A 285 3.69 11.95 -1.40
C GLN A 285 2.74 12.88 -2.19
N LEU A 286 1.48 12.99 -1.77
CA LEU A 286 0.47 13.87 -2.38
C LEU A 286 1.02 15.30 -2.33
N PHE A 287 1.43 15.73 -1.15
CA PHE A 287 1.98 17.08 -0.95
C PHE A 287 3.35 17.28 -1.55
N ARG A 288 4.20 16.24 -1.50
CA ARG A 288 5.56 16.25 -2.08
C ARG A 288 5.51 16.42 -3.62
N ASN A 289 4.58 15.71 -4.30
CA ASN A 289 4.42 15.82 -5.74
C ASN A 289 3.99 17.23 -6.14
N LEU A 290 3.05 17.82 -5.36
CA LEU A 290 2.58 19.19 -5.59
C LEU A 290 3.73 20.19 -5.35
N PHE A 291 4.53 19.97 -4.29
CA PHE A 291 5.71 20.79 -3.94
C PHE A 291 6.68 20.83 -5.15
N HIS A 292 6.95 19.66 -5.77
CA HIS A 292 7.84 19.54 -6.92
C HIS A 292 7.26 20.18 -8.19
N ARG A 293 5.93 20.03 -8.42
CA ARG A 293 5.21 20.62 -9.56
C ARG A 293 5.28 22.15 -9.48
N GLN A 294 5.26 22.70 -8.27
CA GLN A 294 5.37 24.14 -8.03
C GLN A 294 6.80 24.65 -8.16
N GLY A 295 7.78 23.74 -8.20
CA GLY A 295 9.20 24.09 -8.32
C GLY A 295 9.86 24.59 -7.06
N PHE A 296 9.26 24.31 -5.89
CA PHE A 296 9.81 24.75 -4.61
C PHE A 296 11.02 23.91 -4.18
N SER A 297 11.92 24.54 -3.41
CA SER A 297 13.10 23.89 -2.86
C SER A 297 12.85 23.55 -1.39
N TYR A 298 13.22 22.33 -1.01
CA TYR A 298 13.05 21.85 0.36
C TYR A 298 14.25 22.38 1.17
N ASP A 299 14.16 23.69 1.53
CA ASP A 299 15.22 24.45 2.20
C ASP A 299 14.88 24.96 3.59
N TYR A 300 13.71 24.59 4.13
CA TYR A 300 13.21 25.01 5.43
C TYR A 300 13.14 26.54 5.60
N VAL A 301 12.95 27.26 4.51
CA VAL A 301 12.76 28.69 4.66
C VAL A 301 11.27 28.97 4.60
N PHE A 302 10.71 29.18 5.78
CA PHE A 302 9.28 29.42 6.01
C PHE A 302 9.01 30.91 5.87
N ASP A 303 7.71 31.30 5.80
CA ASP A 303 7.38 32.73 5.67
C ASP A 303 8.01 33.63 6.72
N TRP A 304 7.98 33.19 7.99
CA TRP A 304 8.53 33.96 9.11
C TRP A 304 10.03 34.19 9.04
N ASN A 305 10.77 33.31 8.34
CA ASN A 305 12.23 33.45 8.17
C ASN A 305 12.61 34.63 7.26
N MET A 306 11.63 35.14 6.50
CA MET A 306 11.87 36.27 5.59
C MET A 306 11.61 37.66 6.21
N LEU A 307 11.22 37.73 7.50
CA LEU A 307 10.93 38.98 8.21
C LEU A 307 12.16 39.79 8.66
N LEU B 17 -59.62 1.09 -29.39
CA LEU B 17 -58.52 0.17 -29.13
C LEU B 17 -57.36 0.30 -30.14
N ARG B 18 -57.63 0.88 -31.34
CA ARG B 18 -56.61 1.08 -32.39
C ARG B 18 -55.69 2.24 -32.07
N VAL B 19 -54.36 2.03 -32.24
CA VAL B 19 -53.31 3.01 -31.97
C VAL B 19 -52.33 3.01 -33.16
N GLY B 20 -52.17 4.18 -33.77
CA GLY B 20 -51.28 4.41 -34.92
C GLY B 20 -51.29 3.39 -36.04
N ASN B 21 -52.49 3.00 -36.49
CA ASN B 21 -52.78 2.05 -37.58
C ASN B 21 -52.39 0.56 -37.39
N ARG B 22 -51.36 0.26 -36.56
CA ARG B 22 -50.90 -1.12 -36.38
C ARG B 22 -50.87 -1.64 -34.94
N TYR B 23 -51.16 -0.78 -33.95
CA TYR B 23 -51.13 -1.22 -32.55
C TYR B 23 -52.53 -1.33 -31.97
N ARG B 24 -52.73 -2.38 -31.17
CA ARG B 24 -53.98 -2.63 -30.46
C ARG B 24 -53.70 -2.42 -28.98
N LEU B 25 -54.42 -1.48 -28.36
CA LEU B 25 -54.25 -1.13 -26.95
C LEU B 25 -54.95 -2.15 -26.04
N GLY B 26 -54.20 -2.61 -25.03
CA GLY B 26 -54.67 -3.53 -24.00
C GLY B 26 -54.83 -2.86 -22.65
N ARG B 27 -54.64 -3.61 -21.56
CA ARG B 27 -54.81 -3.08 -20.20
C ARG B 27 -53.54 -2.59 -19.50
N LYS B 28 -53.71 -1.81 -18.41
CA LYS B 28 -52.65 -1.24 -17.58
C LYS B 28 -51.69 -2.32 -17.08
N ILE B 29 -50.39 -2.03 -17.17
CA ILE B 29 -49.29 -2.91 -16.73
C ILE B 29 -48.30 -2.12 -15.83
N GLY B 30 -48.76 -0.97 -15.33
CA GLY B 30 -47.99 -0.09 -14.46
C GLY B 30 -48.17 1.39 -14.71
N SER B 31 -47.27 2.19 -14.10
CA SER B 31 -47.23 3.65 -14.18
C SER B 31 -45.80 4.16 -13.91
N GLY B 32 -45.42 5.22 -14.60
CA GLY B 32 -44.11 5.86 -14.47
C GLY B 32 -44.19 7.14 -13.67
N SER B 33 -43.32 8.12 -13.97
CA SER B 33 -43.30 9.41 -13.29
C SER B 33 -44.45 10.33 -13.73
N PHE B 34 -45.17 9.93 -14.80
CA PHE B 34 -46.34 10.59 -15.41
C PHE B 34 -47.05 9.60 -16.37
N GLY B 35 -47.43 8.43 -15.83
CA GLY B 35 -48.06 7.32 -16.56
C GLY B 35 -49.32 7.59 -17.37
N ASP B 36 -50.12 6.55 -17.71
CA ASP B 36 -49.94 5.14 -17.35
C ASP B 36 -49.34 4.30 -18.49
N ILE B 37 -48.83 3.11 -18.15
CA ILE B 37 -48.24 2.14 -19.08
C ILE B 37 -49.24 0.97 -19.32
N TYR B 38 -49.49 0.66 -20.61
CA TYR B 38 -50.45 -0.35 -21.05
C TYR B 38 -49.80 -1.47 -21.85
N LEU B 39 -50.43 -2.63 -21.87
CA LEU B 39 -49.99 -3.75 -22.70
C LEU B 39 -50.55 -3.46 -24.10
N GLY B 40 -49.85 -3.91 -25.11
CA GLY B 40 -50.30 -3.74 -26.49
C GLY B 40 -49.80 -4.80 -27.42
N THR B 41 -50.33 -4.82 -28.63
CA THR B 41 -49.88 -5.76 -29.64
C THR B 41 -49.53 -4.99 -30.90
N ASP B 42 -48.35 -5.31 -31.46
CA ASP B 42 -48.00 -4.81 -32.78
C ASP B 42 -48.70 -5.84 -33.71
N ILE B 43 -49.87 -5.45 -34.27
CA ILE B 43 -50.69 -6.28 -35.14
C ILE B 43 -49.94 -6.74 -36.40
N ALA B 44 -49.15 -5.85 -37.02
CA ALA B 44 -48.41 -6.17 -38.23
C ALA B 44 -47.25 -7.16 -38.04
N ALA B 45 -46.51 -7.04 -36.94
CA ALA B 45 -45.34 -7.88 -36.63
C ALA B 45 -45.64 -9.11 -35.78
N GLY B 46 -46.81 -9.14 -35.15
CA GLY B 46 -47.20 -10.25 -34.28
C GLY B 46 -46.33 -10.30 -33.04
N GLU B 47 -46.21 -9.16 -32.34
CA GLU B 47 -45.42 -9.02 -31.12
C GLU B 47 -46.09 -8.14 -30.10
N GLU B 48 -45.94 -8.46 -28.82
CA GLU B 48 -46.49 -7.66 -27.74
C GLU B 48 -45.58 -6.47 -27.51
N VAL B 49 -46.18 -5.33 -27.15
CA VAL B 49 -45.46 -4.08 -26.90
C VAL B 49 -46.00 -3.44 -25.61
N ALA B 50 -45.34 -2.37 -25.16
CA ALA B 50 -45.80 -1.58 -24.02
C ALA B 50 -46.13 -0.18 -24.56
N ILE B 51 -47.26 0.40 -24.12
CA ILE B 51 -47.72 1.71 -24.63
C ILE B 51 -47.91 2.72 -23.49
N LYS B 52 -47.23 3.87 -23.58
CA LYS B 52 -47.38 4.96 -22.61
C LYS B 52 -48.29 6.01 -23.21
N LEU B 53 -49.37 6.31 -22.47
CA LEU B 53 -50.40 7.28 -22.84
C LEU B 53 -50.29 8.51 -21.91
N GLU B 54 -50.43 9.71 -22.49
CA GLU B 54 -50.41 10.99 -21.79
C GLU B 54 -51.55 11.84 -22.34
N CYS B 55 -52.56 12.13 -21.48
CA CYS B 55 -53.73 12.91 -21.90
C CYS B 55 -53.40 14.38 -22.16
N GLN B 62 -44.94 16.25 -21.09
CA GLN B 62 -43.65 15.63 -20.79
C GLN B 62 -43.32 14.37 -21.63
N LEU B 63 -44.34 13.68 -22.20
CA LEU B 63 -44.10 12.48 -23.00
C LEU B 63 -43.21 12.75 -24.21
N HIS B 64 -43.42 13.89 -24.88
CA HIS B 64 -42.67 14.31 -26.05
C HIS B 64 -41.19 14.58 -25.73
N ILE B 65 -40.91 15.22 -24.59
CA ILE B 65 -39.53 15.49 -24.17
C ILE B 65 -38.82 14.14 -23.92
N GLU B 66 -39.49 13.23 -23.18
CA GLU B 66 -39.02 11.89 -22.85
C GLU B 66 -38.70 11.04 -24.08
N SER B 67 -39.58 11.04 -25.10
CA SER B 67 -39.35 10.28 -26.35
C SER B 67 -38.08 10.77 -27.07
N LYS B 68 -37.85 12.09 -27.06
CA LYS B 68 -36.62 12.69 -27.63
C LYS B 68 -35.38 12.10 -26.93
N ILE B 69 -35.44 11.90 -25.59
CA ILE B 69 -34.34 11.32 -24.79
C ILE B 69 -34.16 9.85 -25.17
N TYR B 70 -35.24 9.05 -25.15
CA TYR B 70 -35.18 7.64 -25.56
C TYR B 70 -34.59 7.51 -27.00
N LYS B 71 -35.01 8.39 -27.93
CA LYS B 71 -34.56 8.45 -29.33
C LYS B 71 -33.04 8.65 -29.41
N MET B 72 -32.52 9.60 -28.62
CA MET B 72 -31.10 9.89 -28.54
C MET B 72 -30.34 8.67 -27.97
N MET B 73 -30.95 7.93 -27.00
CA MET B 73 -30.36 6.77 -26.33
C MET B 73 -30.41 5.46 -27.16
N GLN B 74 -31.20 5.43 -28.25
CA GLN B 74 -31.37 4.23 -29.10
C GLN B 74 -30.03 3.66 -29.56
N GLY B 75 -29.92 2.33 -29.56
CA GLY B 75 -28.70 1.66 -29.97
C GLY B 75 -27.86 1.17 -28.81
N GLY B 76 -27.98 1.84 -27.66
CA GLY B 76 -27.28 1.48 -26.44
C GLY B 76 -27.84 0.19 -25.86
N VAL B 77 -26.96 -0.65 -25.30
CA VAL B 77 -27.34 -1.93 -24.65
C VAL B 77 -28.26 -1.60 -23.47
N GLY B 78 -29.39 -2.29 -23.36
CA GLY B 78 -30.31 -2.07 -22.26
C GLY B 78 -31.10 -0.78 -22.31
N ILE B 79 -31.24 -0.22 -23.50
CA ILE B 79 -32.07 0.94 -23.75
C ILE B 79 -33.28 0.38 -24.52
N PRO B 80 -34.51 0.47 -23.95
CA PRO B 80 -35.68 -0.06 -24.67
C PRO B 80 -35.92 0.67 -26.00
N THR B 81 -36.23 -0.10 -27.07
CA THR B 81 -36.48 0.43 -28.42
C THR B 81 -37.81 1.16 -28.48
N ILE B 82 -37.84 2.37 -29.10
CA ILE B 82 -39.08 3.09 -29.37
C ILE B 82 -39.52 2.50 -30.68
N ARG B 83 -40.75 1.98 -30.73
CA ARG B 83 -41.33 1.36 -31.92
C ARG B 83 -42.07 2.44 -32.74
N TRP B 84 -42.77 3.35 -32.03
CA TRP B 84 -43.60 4.41 -32.61
C TRP B 84 -43.89 5.51 -31.58
N CYS B 85 -44.13 6.73 -32.07
CA CYS B 85 -44.49 7.92 -31.30
C CYS B 85 -45.45 8.75 -32.15
N GLY B 86 -46.52 9.22 -31.54
CA GLY B 86 -47.54 10.03 -32.20
C GLY B 86 -48.71 10.44 -31.33
N ALA B 87 -49.81 10.90 -31.96
CA ALA B 87 -51.02 11.30 -31.24
C ALA B 87 -52.22 10.51 -31.75
N GLU B 88 -53.03 9.98 -30.83
CA GLU B 88 -54.25 9.21 -31.12
C GLU B 88 -55.39 9.71 -30.22
N GLY B 89 -56.39 10.35 -30.84
CA GLY B 89 -57.54 10.93 -30.17
C GLY B 89 -57.18 11.97 -29.12
N ASP B 90 -57.51 11.68 -27.85
CA ASP B 90 -57.26 12.54 -26.69
C ASP B 90 -55.88 12.35 -26.08
N TYR B 91 -55.01 11.51 -26.69
CA TYR B 91 -53.71 11.18 -26.11
C TYR B 91 -52.49 11.33 -27.01
N ASN B 92 -51.34 11.53 -26.35
CA ASN B 92 -49.99 11.51 -26.90
C ASN B 92 -49.54 10.06 -26.60
N VAL B 93 -49.00 9.37 -27.62
CA VAL B 93 -48.68 7.94 -27.53
C VAL B 93 -47.22 7.61 -27.82
N MET B 94 -46.63 6.78 -26.96
CA MET B 94 -45.29 6.25 -27.15
C MET B 94 -45.38 4.74 -27.04
N VAL B 95 -44.91 4.06 -28.09
CA VAL B 95 -44.93 2.60 -28.20
C VAL B 95 -43.49 2.09 -28.11
N MET B 96 -43.24 1.20 -27.16
CA MET B 96 -41.92 0.65 -26.89
C MET B 96 -41.97 -0.86 -26.78
N GLU B 97 -40.81 -1.51 -26.98
CA GLU B 97 -40.71 -2.97 -26.83
C GLU B 97 -41.13 -3.41 -25.43
N LEU B 98 -41.72 -4.62 -25.31
CA LEU B 98 -42.16 -5.16 -24.03
C LEU B 98 -40.97 -5.69 -23.20
N LEU B 99 -40.89 -5.25 -21.94
CA LEU B 99 -39.84 -5.66 -21.02
C LEU B 99 -40.48 -6.42 -19.89
N GLY B 100 -39.64 -7.05 -19.06
CA GLY B 100 -40.07 -7.87 -17.94
C GLY B 100 -40.22 -7.08 -16.65
N PRO B 101 -40.27 -7.78 -15.50
CA PRO B 101 -40.48 -7.06 -14.23
C PRO B 101 -39.29 -6.18 -13.82
N SER B 102 -39.57 -5.17 -12.99
CA SER B 102 -38.54 -4.29 -12.44
C SER B 102 -37.74 -5.06 -11.39
N LEU B 103 -36.58 -4.53 -11.02
CA LEU B 103 -35.76 -5.11 -9.96
C LEU B 103 -36.48 -5.01 -8.61
N GLU B 104 -37.36 -3.99 -8.41
CA GLU B 104 -38.16 -3.88 -7.17
C GLU B 104 -39.18 -5.03 -7.12
N ASP B 105 -39.86 -5.35 -8.25
CA ASP B 105 -40.81 -6.46 -8.34
C ASP B 105 -40.09 -7.77 -8.07
N LEU B 106 -38.92 -7.98 -8.69
CA LEU B 106 -38.10 -9.19 -8.51
C LEU B 106 -37.55 -9.33 -7.11
N PHE B 107 -37.16 -8.20 -6.48
CA PHE B 107 -36.67 -8.20 -5.09
C PHE B 107 -37.77 -8.67 -4.14
N ASN B 108 -38.99 -8.12 -4.30
CA ASN B 108 -40.18 -8.51 -3.53
C ASN B 108 -40.54 -9.98 -3.73
N PHE B 109 -40.43 -10.46 -4.96
CA PHE B 109 -40.72 -11.86 -5.31
C PHE B 109 -39.70 -12.79 -4.68
N CYS B 110 -38.45 -12.31 -4.45
CA CYS B 110 -37.37 -13.07 -3.82
C CYS B 110 -37.29 -12.87 -2.30
N SER B 111 -38.40 -12.40 -1.69
CA SER B 111 -38.56 -12.18 -0.24
C SER B 111 -37.61 -11.11 0.30
N ARG B 112 -37.30 -10.12 -0.55
CA ARG B 112 -36.42 -9.01 -0.23
C ARG B 112 -35.02 -9.46 0.21
N LYS B 113 -34.50 -10.49 -0.48
CA LYS B 113 -33.17 -11.02 -0.25
C LYS B 113 -32.56 -11.46 -1.57
N PHE B 114 -31.40 -10.89 -1.92
CA PHE B 114 -30.64 -11.26 -3.11
C PHE B 114 -29.30 -11.80 -2.68
N SER B 115 -28.82 -12.88 -3.31
CA SER B 115 -27.49 -13.43 -2.97
C SER B 115 -26.43 -12.41 -3.42
N LEU B 116 -25.20 -12.51 -2.89
CA LEU B 116 -24.12 -11.63 -3.32
C LEU B 116 -23.90 -11.73 -4.83
N LYS B 117 -23.97 -12.94 -5.42
CA LYS B 117 -23.79 -13.16 -6.86
C LYS B 117 -24.80 -12.32 -7.64
N THR B 118 -26.11 -12.38 -7.27
CA THR B 118 -27.14 -11.58 -7.95
C THR B 118 -26.81 -10.09 -7.88
N VAL B 119 -26.49 -9.57 -6.68
CA VAL B 119 -26.14 -8.14 -6.49
C VAL B 119 -24.98 -7.75 -7.41
N LEU B 120 -23.94 -8.61 -7.53
CA LEU B 120 -22.77 -8.30 -8.36
C LEU B 120 -23.06 -8.40 -9.85
N LEU B 121 -23.92 -9.36 -10.27
CA LEU B 121 -24.32 -9.45 -11.68
C LEU B 121 -25.09 -8.15 -12.07
N LEU B 122 -25.99 -7.70 -11.18
CA LEU B 122 -26.79 -6.49 -11.36
C LEU B 122 -25.90 -5.23 -11.32
N ALA B 123 -24.97 -5.14 -10.37
CA ALA B 123 -24.06 -3.98 -10.26
C ALA B 123 -23.31 -3.75 -11.57
N ASP B 124 -22.73 -4.84 -12.15
CA ASP B 124 -21.93 -4.73 -13.39
C ASP B 124 -22.70 -4.04 -14.53
N GLN B 125 -23.94 -4.50 -14.77
CA GLN B 125 -24.79 -3.97 -15.81
C GLN B 125 -25.32 -2.57 -15.50
N MET B 126 -25.71 -2.34 -14.25
CA MET B 126 -26.28 -1.07 -13.80
C MET B 126 -25.28 0.07 -13.91
N ILE B 127 -23.99 -0.19 -13.61
CA ILE B 127 -22.93 0.82 -13.75
C ILE B 127 -22.82 1.18 -15.25
N SER B 128 -22.81 0.16 -16.12
CA SER B 128 -22.74 0.34 -17.59
C SER B 128 -23.94 1.11 -18.16
N ARG B 129 -25.15 0.89 -17.60
CA ARG B 129 -26.35 1.61 -18.08
C ARG B 129 -26.22 3.09 -17.78
N ILE B 130 -25.77 3.40 -16.56
CA ILE B 130 -25.54 4.78 -16.09
C ILE B 130 -24.46 5.46 -16.94
N GLU B 131 -23.34 4.75 -17.21
CA GLU B 131 -22.24 5.29 -18.02
C GLU B 131 -22.73 5.64 -19.43
N TYR B 132 -23.56 4.77 -20.04
CA TYR B 132 -24.12 5.02 -21.36
C TYR B 132 -24.97 6.31 -21.37
N ILE B 133 -25.87 6.48 -20.40
CA ILE B 133 -26.74 7.67 -20.29
C ILE B 133 -25.84 8.91 -20.19
N HIS B 134 -24.78 8.83 -19.36
CA HIS B 134 -23.79 9.91 -19.17
C HIS B 134 -23.05 10.24 -20.47
N SER B 135 -22.70 9.19 -21.26
CA SER B 135 -22.03 9.35 -22.57
C SER B 135 -22.92 10.08 -23.57
N LYS B 136 -24.24 10.07 -23.32
CA LYS B 136 -25.24 10.74 -24.15
C LYS B 136 -25.68 12.10 -23.57
N ASN B 137 -24.84 12.65 -22.64
CA ASN B 137 -24.94 13.98 -22.04
C ASN B 137 -26.09 14.19 -21.06
N PHE B 138 -26.66 13.10 -20.57
CA PHE B 138 -27.76 13.16 -19.63
C PHE B 138 -27.39 12.52 -18.32
N ILE B 139 -28.03 12.97 -17.24
CA ILE B 139 -27.98 12.36 -15.91
C ILE B 139 -29.41 11.89 -15.68
N HIS B 140 -29.57 10.71 -15.07
CA HIS B 140 -30.89 10.10 -14.87
C HIS B 140 -31.70 10.79 -13.77
N ARG B 141 -31.05 11.01 -12.61
CA ARG B 141 -31.58 11.68 -11.42
C ARG B 141 -32.55 10.89 -10.56
N ASP B 142 -32.95 9.68 -11.00
CA ASP B 142 -33.86 8.85 -10.23
C ASP B 142 -33.48 7.38 -10.29
N VAL B 143 -32.20 7.10 -9.96
CA VAL B 143 -31.67 5.74 -9.94
C VAL B 143 -32.27 5.02 -8.71
N LYS B 144 -33.12 4.01 -8.99
CA LYS B 144 -33.84 3.23 -7.99
C LYS B 144 -34.22 1.86 -8.58
N PRO B 145 -34.53 0.85 -7.78
CA PRO B 145 -34.90 -0.48 -8.35
C PRO B 145 -36.07 -0.54 -9.34
N ASP B 146 -37.09 0.31 -9.13
CA ASP B 146 -38.30 0.43 -9.95
C ASP B 146 -37.97 0.88 -11.39
N ASN B 147 -36.81 1.52 -11.58
CA ASN B 147 -36.36 2.12 -12.83
C ASN B 147 -35.41 1.26 -13.66
N PHE B 148 -35.21 0.02 -13.22
CA PHE B 148 -34.42 -0.99 -13.92
C PHE B 148 -35.33 -2.19 -14.15
N LEU B 149 -35.46 -2.62 -15.41
CA LEU B 149 -36.31 -3.75 -15.75
C LEU B 149 -35.50 -4.83 -16.44
N MET B 150 -35.80 -6.10 -16.15
CA MET B 150 -35.13 -7.19 -16.86
C MET B 150 -35.84 -7.34 -18.22
N GLY B 151 -35.12 -7.80 -19.24
CA GLY B 151 -35.73 -8.04 -20.53
C GLY B 151 -36.55 -9.34 -20.49
N LEU B 152 -37.17 -9.71 -21.60
CA LEU B 152 -37.95 -10.96 -21.70
C LEU B 152 -37.30 -11.88 -22.72
N GLY B 153 -37.59 -13.18 -22.60
CA GLY B 153 -37.12 -14.24 -23.51
C GLY B 153 -35.63 -14.29 -23.67
N LYS B 154 -35.16 -14.05 -24.90
CA LYS B 154 -33.73 -14.05 -25.26
C LYS B 154 -32.96 -12.93 -24.58
N LYS B 155 -33.65 -11.84 -24.20
CA LYS B 155 -33.09 -10.65 -23.54
C LYS B 155 -33.29 -10.71 -22.01
N GLY B 156 -33.67 -11.88 -21.49
CA GLY B 156 -33.96 -12.11 -20.08
C GLY B 156 -32.79 -11.90 -19.12
N ASN B 157 -31.54 -11.95 -19.63
CA ASN B 157 -30.28 -11.76 -18.88
C ASN B 157 -29.90 -10.26 -18.80
N LEU B 158 -30.58 -9.42 -19.59
CA LEU B 158 -30.29 -8.01 -19.75
C LEU B 158 -31.04 -7.11 -18.82
N VAL B 159 -30.31 -6.21 -18.15
CA VAL B 159 -30.89 -5.18 -17.28
C VAL B 159 -31.14 -3.98 -18.19
N TYR B 160 -32.36 -3.46 -18.20
CA TYR B 160 -32.72 -2.28 -19.00
C TYR B 160 -32.90 -1.14 -18.03
N ILE B 161 -32.63 0.09 -18.48
CA ILE B 161 -32.88 1.27 -17.66
C ILE B 161 -34.07 2.01 -18.30
N ILE B 162 -34.98 2.53 -17.48
CA ILE B 162 -36.16 3.25 -17.96
C ILE B 162 -36.38 4.55 -17.20
N ASP B 163 -37.41 5.26 -17.63
CA ASP B 163 -37.95 6.50 -17.09
C ASP B 163 -36.96 7.66 -17.11
N PHE B 164 -37.11 8.51 -18.12
CA PHE B 164 -36.31 9.69 -18.32
C PHE B 164 -37.12 10.96 -18.00
N GLY B 165 -38.20 10.82 -17.24
CA GLY B 165 -39.05 11.93 -16.83
C GLY B 165 -38.33 12.99 -15.99
N LEU B 166 -37.38 12.57 -15.17
CA LEU B 166 -36.60 13.48 -14.30
C LEU B 166 -35.19 13.75 -14.82
N ALA B 167 -34.82 13.14 -15.97
CA ALA B 167 -33.52 13.27 -16.61
C ALA B 167 -33.24 14.69 -17.05
N LYS B 168 -31.96 15.08 -17.01
CA LYS B 168 -31.53 16.44 -17.37
C LYS B 168 -30.21 16.37 -18.12
N LYS B 169 -30.00 17.28 -19.09
CA LYS B 169 -28.73 17.39 -19.79
C LYS B 169 -27.71 18.00 -18.79
N TYR B 170 -26.56 17.35 -18.53
CA TYR B 170 -25.59 17.89 -17.56
C TYR B 170 -24.47 18.63 -18.22
N ARG B 171 -24.28 18.41 -19.53
CA ARG B 171 -23.23 19.05 -20.28
C ARG B 171 -23.74 19.36 -21.70
N ASP B 172 -23.22 20.45 -22.27
CA ASP B 172 -23.52 20.86 -23.62
C ASP B 172 -23.13 19.72 -24.59
N ALA B 173 -24.02 19.43 -25.58
CA ALA B 173 -23.79 18.36 -26.55
C ALA B 173 -22.54 18.54 -27.43
N ARG B 174 -22.23 19.81 -27.78
CA ARG B 174 -21.11 20.18 -28.64
C ARG B 174 -19.81 20.43 -27.88
N THR B 175 -19.86 21.33 -26.89
CA THR B 175 -18.70 21.76 -26.11
C THR B 175 -18.37 20.88 -24.92
N HIS B 176 -19.31 20.00 -24.47
CA HIS B 176 -19.14 19.16 -23.27
C HIS B 176 -18.97 20.04 -22.01
N GLN B 177 -19.36 21.33 -22.11
CA GLN B 177 -19.33 22.32 -21.04
C GLN B 177 -20.39 21.89 -20.03
N HIS B 178 -19.95 21.57 -18.82
CA HIS B 178 -20.80 21.10 -17.73
C HIS B 178 -21.76 22.19 -17.26
N ILE B 179 -22.94 21.81 -16.77
CA ILE B 179 -23.94 22.74 -16.20
C ILE B 179 -23.33 23.40 -14.94
N PRO B 180 -23.60 24.69 -14.66
CA PRO B 180 -22.96 25.33 -13.49
C PRO B 180 -23.38 24.75 -12.14
N TYR B 181 -22.50 24.87 -11.16
CA TYR B 181 -22.72 24.45 -9.78
C TYR B 181 -23.85 25.31 -9.17
N ARG B 182 -24.91 24.65 -8.69
CA ARG B 182 -26.03 25.37 -8.12
C ARG B 182 -26.40 24.78 -6.77
N GLU B 183 -26.92 25.64 -5.89
CA GLU B 183 -27.36 25.30 -4.54
C GLU B 183 -28.83 25.69 -4.39
N ASN B 184 -29.44 25.37 -3.22
CA ASN B 184 -30.85 25.64 -2.89
C ASN B 184 -31.79 25.02 -3.97
N LYS B 185 -31.59 23.72 -4.26
CA LYS B 185 -32.36 22.98 -5.24
C LYS B 185 -33.28 21.95 -4.58
N ASN B 186 -34.44 21.68 -5.21
CA ASN B 186 -35.43 20.71 -4.75
C ASN B 186 -34.92 19.29 -4.95
N LEU B 187 -35.31 18.37 -4.06
CA LEU B 187 -34.95 16.96 -4.16
C LEU B 187 -35.69 16.30 -5.35
N THR B 188 -35.03 16.25 -6.54
CA THR B 188 -35.59 15.60 -7.74
C THR B 188 -35.08 14.16 -7.77
N GLY B 189 -36.01 13.25 -7.47
CA GLY B 189 -35.79 11.81 -7.37
C GLY B 189 -36.49 11.25 -6.15
N THR B 190 -36.04 10.10 -5.67
CA THR B 190 -36.61 9.42 -4.51
C THR B 190 -35.67 9.64 -3.32
N ALA B 191 -36.23 10.10 -2.18
CA ALA B 191 -35.50 10.40 -0.95
C ALA B 191 -34.63 9.24 -0.42
N ARG B 192 -35.16 8.01 -0.44
CA ARG B 192 -34.46 6.81 0.03
C ARG B 192 -33.08 6.60 -0.63
N TYR B 193 -32.98 6.85 -1.94
CA TYR B 193 -31.75 6.64 -2.70
C TYR B 193 -30.98 7.91 -3.05
N ALA B 194 -31.50 9.10 -2.69
CA ALA B 194 -30.82 10.36 -2.98
C ALA B 194 -29.41 10.45 -2.35
N SER B 195 -28.49 11.08 -3.08
CA SER B 195 -27.12 11.30 -2.61
C SER B 195 -27.15 12.33 -1.48
N ILE B 196 -26.10 12.38 -0.64
CA ILE B 196 -25.97 13.39 0.41
C ILE B 196 -25.99 14.80 -0.22
N ASN B 197 -25.27 14.99 -1.38
CA ASN B 197 -25.25 16.29 -2.11
C ASN B 197 -26.69 16.73 -2.46
N THR B 198 -27.56 15.78 -2.84
CA THR B 198 -28.97 16.06 -3.17
C THR B 198 -29.73 16.56 -1.95
N HIS B 199 -29.57 15.87 -0.80
CA HIS B 199 -30.19 16.30 0.46
C HIS B 199 -29.71 17.69 0.87
N LEU B 200 -28.47 18.05 0.49
CA LEU B 200 -27.91 19.37 0.77
C LEU B 200 -28.46 20.46 -0.16
N GLY B 201 -29.16 20.05 -1.22
CA GLY B 201 -29.77 20.94 -2.20
C GLY B 201 -28.84 21.32 -3.35
N ILE B 202 -27.76 20.54 -3.55
CA ILE B 202 -26.80 20.79 -4.61
C ILE B 202 -27.32 20.21 -5.92
N GLU B 203 -27.05 20.92 -7.04
CA GLU B 203 -27.39 20.48 -8.39
C GLU B 203 -26.82 19.05 -8.61
N GLN B 204 -27.63 18.14 -9.10
CA GLN B 204 -27.22 16.75 -9.34
C GLN B 204 -26.30 16.67 -10.55
N SER B 205 -25.31 15.76 -10.48
CA SER B 205 -24.38 15.55 -11.58
C SER B 205 -24.13 14.03 -11.72
N ARG B 206 -23.13 13.63 -12.52
CA ARG B 206 -22.83 12.19 -12.76
C ARG B 206 -22.59 11.39 -11.48
N ARG B 207 -21.84 11.96 -10.52
CA ARG B 207 -21.53 11.31 -9.25
C ARG B 207 -22.79 10.89 -8.44
N ASP B 208 -23.86 11.70 -8.53
CA ASP B 208 -25.10 11.49 -7.80
C ASP B 208 -25.86 10.27 -8.30
N ASP B 209 -25.84 10.00 -9.62
CA ASP B 209 -26.49 8.79 -10.18
C ASP B 209 -25.73 7.55 -9.66
N LEU B 210 -24.41 7.65 -9.57
CA LEU B 210 -23.60 6.52 -9.09
C LEU B 210 -23.73 6.33 -7.57
N GLU B 211 -23.82 7.43 -6.79
CA GLU B 211 -23.99 7.32 -5.34
C GLU B 211 -25.34 6.62 -5.06
N SER B 212 -26.42 7.04 -5.79
CA SER B 212 -27.75 6.44 -5.71
C SER B 212 -27.68 4.95 -6.02
N LEU B 213 -26.91 4.56 -7.05
CA LEU B 213 -26.71 3.13 -7.33
C LEU B 213 -26.09 2.43 -6.12
N GLY B 214 -25.11 3.07 -5.46
CA GLY B 214 -24.46 2.51 -4.27
C GLY B 214 -25.44 2.15 -3.16
N TYR B 215 -26.41 3.05 -2.86
CA TYR B 215 -27.47 2.81 -1.86
C TYR B 215 -28.41 1.70 -2.34
N VAL B 216 -28.69 1.63 -3.67
CA VAL B 216 -29.56 0.58 -4.27
C VAL B 216 -28.92 -0.78 -3.99
N LEU B 217 -27.61 -0.90 -4.28
CA LEU B 217 -26.90 -2.17 -4.07
C LEU B 217 -26.90 -2.59 -2.58
N MET B 218 -26.72 -1.63 -1.66
CA MET B 218 -26.78 -1.89 -0.21
C MET B 218 -28.18 -2.26 0.24
N TYR B 219 -29.20 -1.65 -0.38
CA TYR B 219 -30.62 -1.96 -0.15
C TYR B 219 -30.88 -3.43 -0.54
N PHE B 220 -30.33 -3.88 -1.68
CA PHE B 220 -30.43 -5.29 -2.13
C PHE B 220 -29.73 -6.24 -1.18
N ASN B 221 -28.59 -5.80 -0.61
CA ASN B 221 -27.83 -6.58 0.36
C ASN B 221 -28.53 -6.73 1.71
N LEU B 222 -29.12 -5.64 2.21
CA LEU B 222 -29.75 -5.59 3.56
C LEU B 222 -31.24 -5.95 3.62
N GLY B 223 -31.98 -5.73 2.54
CA GLY B 223 -33.43 -5.92 2.48
C GLY B 223 -34.14 -4.61 2.78
N SER B 224 -33.39 -3.66 3.36
CA SER B 224 -33.88 -2.34 3.78
C SER B 224 -32.68 -1.41 3.99
N LEU B 225 -32.93 -0.10 4.06
CA LEU B 225 -31.87 0.87 4.38
C LEU B 225 -32.19 1.46 5.76
N PRO B 226 -31.18 1.90 6.53
CA PRO B 226 -31.44 2.42 7.90
C PRO B 226 -32.35 3.64 8.02
N TRP B 227 -32.48 4.42 6.92
CA TRP B 227 -33.27 5.64 6.86
C TRP B 227 -34.63 5.41 6.22
N GLN B 228 -34.95 4.13 6.01
CA GLN B 228 -36.22 3.70 5.43
C GLN B 228 -37.25 3.56 6.54
N GLY B 229 -38.49 3.94 6.24
CA GLY B 229 -39.62 3.82 7.15
C GLY B 229 -39.54 4.68 8.39
N LEU B 230 -39.03 5.91 8.21
CA LEU B 230 -38.92 6.89 9.28
C LEU B 230 -40.29 7.56 9.43
N LYS B 231 -40.74 7.77 10.68
CA LYS B 231 -42.03 8.40 10.94
C LYS B 231 -41.90 9.92 10.92
N ALA B 232 -42.88 10.61 10.29
CA ALA B 232 -42.92 12.07 10.13
C ALA B 232 -44.33 12.61 9.85
N ALA B 233 -44.54 13.92 10.09
CA ALA B 233 -45.81 14.63 9.87
C ALA B 233 -45.98 15.09 8.41
N THR B 234 -45.02 15.89 7.90
CA THR B 234 -45.01 16.42 6.53
C THR B 234 -43.93 15.66 5.72
N LYS B 235 -44.07 15.61 4.37
CA LYS B 235 -43.08 14.96 3.50
C LYS B 235 -41.71 15.65 3.58
N ARG B 236 -41.70 17.00 3.80
CA ARG B 236 -40.50 17.82 3.99
C ARG B 236 -39.76 17.36 5.25
N GLN B 237 -40.51 17.05 6.33
CA GLN B 237 -39.96 16.57 7.61
C GLN B 237 -39.33 15.19 7.40
N LYS B 238 -39.99 14.31 6.62
CA LYS B 238 -39.51 12.95 6.32
C LYS B 238 -38.18 13.03 5.58
N TYR B 239 -38.08 13.92 4.56
CA TYR B 239 -36.87 14.14 3.77
C TYR B 239 -35.75 14.68 4.66
N GLU B 240 -36.06 15.64 5.55
CA GLU B 240 -35.06 16.18 6.47
C GLU B 240 -34.63 15.12 7.50
N ARG B 241 -35.53 14.18 7.86
CA ARG B 241 -35.22 13.08 8.79
C ARG B 241 -34.33 12.02 8.11
N ILE B 242 -34.58 11.75 6.82
CA ILE B 242 -33.77 10.80 6.00
C ILE B 242 -32.35 11.39 5.84
N SER B 243 -32.27 12.66 5.48
CA SER B 243 -31.03 13.42 5.32
C SER B 243 -30.16 13.32 6.58
N GLU B 244 -30.76 13.60 7.77
CA GLU B 244 -30.04 13.54 9.04
C GLU B 244 -29.53 12.14 9.33
N LYS B 245 -30.38 11.10 9.10
CA LYS B 245 -30.03 9.69 9.31
C LYS B 245 -28.90 9.26 8.34
N LYS B 246 -28.99 9.67 7.06
CA LYS B 246 -27.96 9.36 6.07
C LYS B 246 -26.61 9.97 6.47
N MET B 247 -26.62 11.26 6.86
CA MET B 247 -25.42 11.99 7.25
C MET B 247 -24.79 11.53 8.58
N SER B 248 -25.58 10.89 9.46
CA SER B 248 -25.07 10.39 10.73
C SER B 248 -24.75 8.88 10.69
N THR B 249 -24.95 8.21 9.53
CA THR B 249 -24.66 6.78 9.40
C THR B 249 -23.34 6.60 8.62
N PRO B 250 -22.21 6.31 9.30
CA PRO B 250 -20.93 6.13 8.54
C PRO B 250 -21.07 5.00 7.51
N ILE B 251 -20.38 5.13 6.36
CA ILE B 251 -20.39 4.12 5.28
C ILE B 251 -19.94 2.75 5.85
N GLU B 252 -18.97 2.76 6.80
CA GLU B 252 -18.52 1.50 7.41
C GLU B 252 -19.59 0.82 8.24
N VAL B 253 -20.54 1.60 8.80
CA VAL B 253 -21.64 1.06 9.60
C VAL B 253 -22.74 0.54 8.67
N LEU B 254 -23.04 1.32 7.62
CA LEU B 254 -24.01 0.94 6.61
C LEU B 254 -23.62 -0.41 5.97
N CYS B 255 -22.33 -0.56 5.64
CA CYS B 255 -21.82 -1.73 4.95
C CYS B 255 -21.26 -2.85 5.81
N LYS B 256 -21.34 -2.72 7.15
CA LYS B 256 -20.83 -3.73 8.11
C LYS B 256 -21.40 -5.14 7.81
N GLY B 257 -20.52 -6.14 7.77
CA GLY B 257 -20.91 -7.52 7.49
C GLY B 257 -20.95 -7.87 6.01
N TYR B 258 -20.73 -6.88 5.13
CA TYR B 258 -20.73 -7.06 3.67
C TYR B 258 -19.35 -6.82 3.08
N PRO B 259 -19.00 -7.40 1.90
CA PRO B 259 -17.66 -7.14 1.34
C PRO B 259 -17.31 -5.65 1.25
N SER B 260 -16.04 -5.32 1.58
CA SER B 260 -15.54 -3.95 1.62
C SER B 260 -15.80 -3.14 0.34
N GLU B 261 -15.93 -3.82 -0.82
CA GLU B 261 -16.16 -3.19 -2.14
C GLU B 261 -17.35 -2.24 -2.15
N PHE B 262 -18.43 -2.59 -1.41
CA PHE B 262 -19.63 -1.74 -1.35
C PHE B 262 -19.32 -0.42 -0.65
N ALA B 263 -18.47 -0.47 0.39
CA ALA B 263 -18.02 0.73 1.13
C ALA B 263 -17.04 1.57 0.28
N THR B 264 -16.08 0.91 -0.38
CA THR B 264 -15.08 1.53 -1.27
C THR B 264 -15.79 2.26 -2.41
N TYR B 265 -16.86 1.63 -2.96
CA TYR B 265 -17.69 2.18 -4.05
C TYR B 265 -18.34 3.47 -3.57
N LEU B 266 -19.00 3.44 -2.37
CA LEU B 266 -19.70 4.62 -1.85
C LEU B 266 -18.73 5.75 -1.48
N ASN B 267 -17.56 5.39 -0.97
CA ASN B 267 -16.53 6.39 -0.59
C ASN B 267 -16.00 7.08 -1.82
N PHE B 268 -15.75 6.31 -2.91
CA PHE B 268 -15.31 6.85 -4.20
C PHE B 268 -16.34 7.84 -4.76
N CYS B 269 -17.64 7.48 -4.76
CA CYS B 269 -18.72 8.36 -5.24
C CYS B 269 -18.80 9.66 -4.44
N ARG B 270 -18.67 9.58 -3.10
CA ARG B 270 -18.72 10.74 -2.21
C ARG B 270 -17.49 11.63 -2.37
N SER B 271 -16.38 11.09 -2.94
CA SER B 271 -15.14 11.85 -3.13
C SER B 271 -15.11 12.58 -4.49
N LEU B 272 -16.03 12.22 -5.39
CA LEU B 272 -16.08 12.83 -6.72
C LEU B 272 -16.44 14.28 -6.67
N ARG B 273 -15.77 15.09 -7.50
CA ARG B 273 -16.09 16.51 -7.59
C ARG B 273 -17.32 16.68 -8.48
N PHE B 274 -17.97 17.85 -8.36
CA PHE B 274 -19.17 18.16 -9.11
C PHE B 274 -19.05 17.86 -10.60
N ASP B 275 -18.01 18.35 -11.26
CA ASP B 275 -17.89 18.16 -12.71
C ASP B 275 -17.01 16.97 -13.15
N ASP B 276 -16.56 16.15 -12.18
CA ASP B 276 -15.69 15.00 -12.45
C ASP B 276 -16.37 13.97 -13.30
N LYS B 277 -15.59 13.41 -14.24
CA LYS B 277 -16.01 12.28 -15.04
C LYS B 277 -15.67 11.06 -14.14
N PRO B 278 -16.68 10.26 -13.72
CA PRO B 278 -16.36 9.12 -12.85
C PRO B 278 -15.54 8.04 -13.57
N ASP B 279 -14.73 7.30 -12.80
CA ASP B 279 -13.95 6.22 -13.41
C ASP B 279 -14.84 4.94 -13.33
N TYR B 280 -15.77 4.82 -14.29
CA TYR B 280 -16.72 3.70 -14.40
C TYR B 280 -16.05 2.33 -14.47
N SER B 281 -14.93 2.25 -15.22
CA SER B 281 -14.13 1.04 -15.39
C SER B 281 -13.58 0.57 -14.04
N TYR B 282 -13.06 1.50 -13.22
CA TYR B 282 -12.57 1.17 -11.89
C TYR B 282 -13.69 0.56 -11.01
N LEU B 283 -14.88 1.18 -11.01
CA LEU B 283 -16.03 0.74 -10.23
C LEU B 283 -16.51 -0.65 -10.65
N ARG B 284 -16.53 -0.93 -11.98
CA ARG B 284 -16.93 -2.25 -12.48
C ARG B 284 -15.87 -3.30 -12.08
N GLN B 285 -14.57 -2.91 -12.16
CA GLN B 285 -13.44 -3.78 -11.80
C GLN B 285 -13.43 -4.13 -10.29
N LEU B 286 -13.87 -3.19 -9.42
CA LEU B 286 -13.96 -3.39 -7.97
C LEU B 286 -14.87 -4.61 -7.74
N PHE B 287 -16.07 -4.59 -8.36
CA PHE B 287 -17.03 -5.67 -8.21
C PHE B 287 -16.64 -6.94 -8.94
N ARG B 288 -15.98 -6.80 -10.12
CA ARG B 288 -15.51 -7.93 -10.92
C ARG B 288 -14.44 -8.73 -10.17
N ASN B 289 -13.49 -8.04 -9.52
CA ASN B 289 -12.44 -8.70 -8.75
C ASN B 289 -13.04 -9.48 -7.57
N LEU B 290 -14.04 -8.88 -6.89
CA LEU B 290 -14.73 -9.55 -5.78
C LEU B 290 -15.52 -10.77 -6.30
N PHE B 291 -16.19 -10.63 -7.49
CA PHE B 291 -16.95 -11.70 -8.16
C PHE B 291 -16.00 -12.90 -8.40
N HIS B 292 -14.78 -12.64 -8.88
CA HIS B 292 -13.78 -13.69 -9.17
C HIS B 292 -13.24 -14.35 -7.89
N ARG B 293 -13.00 -13.54 -6.84
CA ARG B 293 -12.51 -14.00 -5.53
C ARG B 293 -13.53 -14.95 -4.89
N GLN B 294 -14.82 -14.69 -5.13
CA GLN B 294 -15.92 -15.53 -4.64
C GLN B 294 -16.09 -16.82 -5.46
N GLY B 295 -15.44 -16.88 -6.64
CA GLY B 295 -15.54 -18.04 -7.52
C GLY B 295 -16.81 -18.14 -8.33
N PHE B 296 -17.54 -17.03 -8.48
CA PHE B 296 -18.78 -17.02 -9.24
C PHE B 296 -18.52 -17.03 -10.76
N SER B 297 -19.46 -17.61 -11.51
CA SER B 297 -19.40 -17.64 -12.98
C SER B 297 -20.41 -16.62 -13.53
N TYR B 298 -20.01 -15.80 -14.57
CA TYR B 298 -20.86 -14.78 -15.23
C TYR B 298 -21.80 -15.49 -16.22
N ASP B 299 -22.68 -16.37 -15.67
CA ASP B 299 -23.61 -17.22 -16.41
C ASP B 299 -25.05 -16.67 -16.48
N TYR B 300 -25.28 -15.49 -15.88
CA TYR B 300 -26.57 -14.79 -15.84
C TYR B 300 -27.68 -15.61 -15.16
N VAL B 301 -27.32 -16.46 -14.17
CA VAL B 301 -28.29 -17.23 -13.41
C VAL B 301 -28.53 -16.41 -12.14
N PHE B 302 -29.61 -15.60 -12.15
CA PHE B 302 -29.96 -14.73 -11.04
C PHE B 302 -30.80 -15.52 -10.02
N ASP B 303 -31.03 -14.97 -8.81
CA ASP B 303 -31.82 -15.69 -7.81
C ASP B 303 -33.20 -16.14 -8.31
N TRP B 304 -33.91 -15.25 -9.03
CA TRP B 304 -35.25 -15.54 -9.54
C TRP B 304 -35.30 -16.68 -10.56
N ASN B 305 -34.18 -16.96 -11.27
CA ASN B 305 -34.09 -18.06 -12.23
C ASN B 305 -34.13 -19.45 -11.56
N MET B 306 -33.88 -19.50 -10.24
CA MET B 306 -33.86 -20.74 -9.47
C MET B 306 -35.21 -21.06 -8.80
N LEU B 307 -36.16 -20.11 -8.88
CA LEU B 307 -37.50 -20.21 -8.31
C LEU B 307 -38.46 -20.95 -9.25
N ASN C 21 -23.80 -42.62 14.06
CA ASN C 21 -25.21 -42.85 13.75
C ASN C 21 -25.67 -42.56 12.31
N ARG C 22 -24.96 -41.68 11.54
CA ARG C 22 -25.37 -41.38 10.17
C ARG C 22 -24.32 -41.58 9.09
N TYR C 23 -23.07 -41.90 9.46
CA TYR C 23 -22.03 -42.09 8.43
C TYR C 23 -21.62 -43.53 8.30
N ARG C 24 -21.38 -43.96 7.07
CA ARG C 24 -20.91 -45.29 6.74
C ARG C 24 -19.47 -45.15 6.24
N LEU C 25 -18.54 -45.82 6.91
CA LEU C 25 -17.11 -45.77 6.64
C LEU C 25 -16.70 -46.64 5.44
N GLY C 26 -15.80 -46.09 4.60
CA GLY C 26 -15.29 -46.72 3.39
C GLY C 26 -13.79 -47.03 3.44
N ARG C 27 -13.11 -46.95 2.28
CA ARG C 27 -11.68 -47.31 2.18
C ARG C 27 -10.71 -46.11 2.24
N LYS C 28 -9.47 -46.37 2.70
CA LYS C 28 -8.39 -45.38 2.85
C LYS C 28 -7.95 -44.72 1.55
N ILE C 29 -8.14 -43.41 1.44
CA ILE C 29 -7.77 -42.59 0.27
C ILE C 29 -6.27 -42.25 0.28
N GLY C 30 -5.78 -41.81 1.43
CA GLY C 30 -4.38 -41.42 1.61
C GLY C 30 -4.09 -41.02 3.04
N SER C 31 -3.36 -39.91 3.21
CA SER C 31 -2.99 -39.44 4.55
C SER C 31 -2.85 -37.93 4.63
N GLY C 32 -3.14 -37.41 5.81
CA GLY C 32 -3.00 -36.00 6.13
C GLY C 32 -1.92 -35.88 7.18
N SER C 33 -1.73 -34.66 7.71
CA SER C 33 -0.77 -34.53 8.78
C SER C 33 -1.51 -35.04 10.05
N PHE C 34 -0.94 -36.05 10.72
CA PHE C 34 -1.46 -36.67 11.93
C PHE C 34 -2.75 -37.52 11.81
N GLY C 35 -3.02 -38.08 10.63
CA GLY C 35 -4.19 -38.94 10.44
C GLY C 35 -4.50 -39.37 9.03
N ASP C 36 -5.06 -40.58 8.86
CA ASP C 36 -5.47 -41.11 7.56
C ASP C 36 -6.88 -40.66 7.14
N ILE C 37 -7.09 -40.55 5.82
CA ILE C 37 -8.32 -40.10 5.18
C ILE C 37 -8.95 -41.29 4.50
N TYR C 38 -10.29 -41.40 4.63
CA TYR C 38 -11.15 -42.48 4.14
C TYR C 38 -12.35 -41.90 3.42
N LEU C 39 -12.99 -42.75 2.59
CA LEU C 39 -14.21 -42.38 1.89
C LEU C 39 -15.38 -42.70 2.81
N GLY C 40 -16.51 -42.04 2.61
CA GLY C 40 -17.67 -42.27 3.43
C GLY C 40 -18.96 -41.80 2.81
N THR C 41 -20.08 -42.17 3.42
CA THR C 41 -21.39 -41.74 2.96
C THR C 41 -22.16 -41.16 4.11
N ASP C 42 -22.74 -39.97 3.90
CA ASP C 42 -23.68 -39.41 4.88
C ASP C 42 -24.99 -40.10 4.49
N ILE C 43 -25.39 -41.12 5.27
CA ILE C 43 -26.59 -41.94 5.04
C ILE C 43 -27.88 -41.09 5.07
N ALA C 44 -27.97 -40.13 6.01
CA ALA C 44 -29.15 -39.29 6.15
C ALA C 44 -29.38 -38.28 5.03
N ALA C 45 -28.29 -37.66 4.54
CA ALA C 45 -28.34 -36.63 3.49
C ALA C 45 -28.17 -37.15 2.06
N GLY C 46 -27.67 -38.39 1.92
CA GLY C 46 -27.42 -38.99 0.61
C GLY C 46 -26.30 -38.29 -0.11
N GLU C 47 -25.14 -38.20 0.57
CA GLU C 47 -23.96 -37.49 0.08
C GLU C 47 -22.67 -38.21 0.44
N GLU C 48 -21.74 -38.36 -0.51
CA GLU C 48 -20.43 -38.95 -0.21
C GLU C 48 -19.66 -37.92 0.56
N VAL C 49 -18.84 -38.37 1.52
CA VAL C 49 -18.01 -37.52 2.38
C VAL C 49 -16.58 -38.07 2.43
N ALA C 50 -15.65 -37.30 3.02
CA ALA C 50 -14.27 -37.67 3.30
C ALA C 50 -14.13 -37.67 4.83
N ILE C 51 -13.55 -38.74 5.39
CA ILE C 51 -13.44 -38.94 6.83
C ILE C 51 -11.98 -39.04 7.29
N LYS C 52 -11.58 -38.22 8.27
CA LYS C 52 -10.23 -38.25 8.83
C LYS C 52 -10.32 -38.93 10.20
N LEU C 53 -9.41 -39.89 10.46
CA LEU C 53 -9.36 -40.65 11.69
C LEU C 53 -8.04 -40.43 12.42
N GLU C 54 -8.10 -40.35 13.75
CA GLU C 54 -6.93 -40.19 14.60
C GLU C 54 -7.14 -41.11 15.83
N CYS C 55 -6.13 -41.92 16.19
CA CYS C 55 -6.22 -42.82 17.34
C CYS C 55 -6.48 -42.03 18.63
N VAL C 56 -7.54 -42.43 19.37
CA VAL C 56 -7.94 -41.77 20.62
C VAL C 56 -6.79 -41.63 21.61
N LYS C 57 -5.98 -42.69 21.72
CA LYS C 57 -4.86 -42.84 22.62
C LYS C 57 -3.49 -42.31 22.16
N THR C 58 -3.40 -41.61 21.01
CA THR C 58 -2.13 -41.03 20.55
C THR C 58 -1.58 -40.08 21.60
N LYS C 59 -0.24 -40.07 21.76
CA LYS C 59 0.46 -39.22 22.74
C LYS C 59 0.17 -37.75 22.57
N HIS C 60 0.07 -37.27 21.33
CA HIS C 60 -0.20 -35.87 21.01
C HIS C 60 -1.53 -35.71 20.26
N PRO C 61 -2.71 -35.71 20.94
CA PRO C 61 -3.97 -35.54 20.19
C PRO C 61 -4.05 -34.17 19.52
N GLN C 62 -4.48 -34.15 18.24
CA GLN C 62 -4.54 -32.92 17.43
C GLN C 62 -5.84 -32.77 16.63
N LEU C 63 -6.57 -33.90 16.33
CA LEU C 63 -7.77 -33.85 15.50
C LEU C 63 -8.76 -32.78 15.93
N HIS C 64 -9.07 -32.73 17.22
CA HIS C 64 -10.00 -31.76 17.81
C HIS C 64 -9.48 -30.34 17.72
N ILE C 65 -8.15 -30.12 17.86
CA ILE C 65 -7.57 -28.77 17.70
C ILE C 65 -7.80 -28.30 16.27
N GLU C 66 -7.47 -29.17 15.28
CA GLU C 66 -7.63 -28.90 13.84
C GLU C 66 -9.09 -28.57 13.48
N SER C 67 -10.07 -29.32 14.06
CA SER C 67 -11.51 -29.10 13.86
C SER C 67 -11.87 -27.64 14.21
N LYS C 68 -11.41 -27.17 15.40
CA LYS C 68 -11.57 -25.79 15.88
C LYS C 68 -11.03 -24.79 14.83
N ILE C 69 -9.84 -25.06 14.25
CA ILE C 69 -9.27 -24.18 13.21
C ILE C 69 -10.22 -24.14 12.01
N TYR C 70 -10.65 -25.31 11.50
CA TYR C 70 -11.62 -25.40 10.39
C TYR C 70 -12.90 -24.62 10.73
N LYS C 71 -13.40 -24.78 11.98
CA LYS C 71 -14.61 -24.12 12.51
C LYS C 71 -14.47 -22.59 12.46
N MET C 72 -13.32 -22.07 12.91
CA MET C 72 -13.00 -20.65 12.87
C MET C 72 -12.92 -20.15 11.41
N MET C 73 -12.42 -20.99 10.48
CA MET C 73 -12.25 -20.66 9.05
C MET C 73 -13.55 -20.77 8.23
N GLN C 74 -14.63 -21.39 8.78
CA GLN C 74 -15.91 -21.57 8.07
C GLN C 74 -16.46 -20.25 7.52
N GLY C 75 -17.02 -20.30 6.33
CA GLY C 75 -17.56 -19.10 5.69
C GLY C 75 -16.63 -18.52 4.64
N GLY C 76 -15.32 -18.76 4.79
CA GLY C 76 -14.31 -18.33 3.84
C GLY C 76 -14.40 -19.12 2.56
N VAL C 77 -14.14 -18.47 1.42
CA VAL C 77 -14.23 -19.11 0.11
C VAL C 77 -13.12 -20.19 0.07
N GLY C 78 -13.47 -21.40 -0.38
CA GLY C 78 -12.47 -22.46 -0.50
C GLY C 78 -11.99 -23.05 0.80
N ILE C 79 -12.80 -22.91 1.84
CA ILE C 79 -12.56 -23.53 3.13
C ILE C 79 -13.60 -24.68 3.17
N PRO C 80 -13.16 -25.97 3.21
CA PRO C 80 -14.13 -27.06 3.23
C PRO C 80 -15.00 -27.07 4.48
N THR C 81 -16.25 -27.52 4.32
CA THR C 81 -17.21 -27.61 5.41
C THR C 81 -16.98 -28.87 6.24
N ILE C 82 -16.94 -28.69 7.56
CA ILE C 82 -16.78 -29.79 8.51
C ILE C 82 -18.20 -30.18 8.98
N ARG C 83 -18.64 -31.39 8.60
CA ARG C 83 -19.98 -31.94 8.83
C ARG C 83 -20.27 -32.47 10.25
N TRP C 84 -19.31 -33.19 10.84
CA TRP C 84 -19.40 -33.81 12.17
C TRP C 84 -18.00 -34.08 12.70
N CYS C 85 -17.88 -34.08 14.05
CA CYS C 85 -16.66 -34.32 14.80
C CYS C 85 -17.06 -35.12 16.03
N GLY C 86 -16.37 -36.22 16.30
CA GLY C 86 -16.65 -37.06 17.47
C GLY C 86 -15.74 -38.26 17.65
N ALA C 87 -16.02 -39.10 18.62
CA ALA C 87 -15.19 -40.29 18.84
C ALA C 87 -15.99 -41.57 18.62
N GLU C 88 -15.38 -42.54 17.92
CA GLU C 88 -15.97 -43.83 17.59
C GLU C 88 -14.88 -44.87 17.81
N GLY C 89 -15.16 -45.86 18.64
CA GLY C 89 -14.23 -46.94 18.95
C GLY C 89 -12.83 -46.49 19.31
N ASP C 90 -11.84 -46.89 18.50
CA ASP C 90 -10.42 -46.54 18.74
C ASP C 90 -10.02 -45.20 18.15
N TYR C 91 -10.97 -44.46 17.53
CA TYR C 91 -10.63 -43.22 16.83
C TYR C 91 -11.43 -41.99 17.16
N ASN C 92 -10.82 -40.82 16.94
CA ASN C 92 -11.42 -39.49 16.94
C ASN C 92 -11.73 -39.32 15.46
N VAL C 93 -12.93 -38.82 15.14
CA VAL C 93 -13.43 -38.76 13.77
C VAL C 93 -13.82 -37.37 13.35
N MET C 94 -13.35 -36.95 12.18
CA MET C 94 -13.74 -35.68 11.59
C MET C 94 -14.30 -35.97 10.20
N VAL C 95 -15.46 -35.44 9.89
CA VAL C 95 -16.04 -35.66 8.56
C VAL C 95 -16.16 -34.38 7.79
N MET C 96 -15.69 -34.44 6.55
CA MET C 96 -15.64 -33.30 5.67
C MET C 96 -16.42 -33.56 4.36
N GLU C 97 -16.96 -32.48 3.76
CA GLU C 97 -17.59 -32.62 2.45
C GLU C 97 -16.54 -33.18 1.50
N LEU C 98 -16.96 -34.01 0.57
CA LEU C 98 -16.06 -34.59 -0.42
C LEU C 98 -15.61 -33.52 -1.42
N LEU C 99 -14.29 -33.43 -1.59
CA LEU C 99 -13.66 -32.51 -2.54
C LEU C 99 -13.02 -33.35 -3.64
N GLY C 100 -12.58 -32.69 -4.71
CA GLY C 100 -11.98 -33.37 -5.84
C GLY C 100 -10.50 -33.62 -5.67
N PRO C 101 -9.78 -33.90 -6.78
CA PRO C 101 -8.35 -34.21 -6.64
C PRO C 101 -7.51 -33.00 -6.23
N SER C 102 -6.34 -33.29 -5.66
CA SER C 102 -5.38 -32.24 -5.28
C SER C 102 -4.71 -31.69 -6.55
N LEU C 103 -4.06 -30.53 -6.43
CA LEU C 103 -3.31 -29.96 -7.55
C LEU C 103 -2.13 -30.86 -7.92
N GLU C 104 -1.54 -31.61 -6.94
CA GLU C 104 -0.48 -32.57 -7.24
C GLU C 104 -1.02 -33.70 -8.13
N ASP C 105 -2.22 -34.26 -7.78
CA ASP C 105 -2.87 -35.31 -8.58
C ASP C 105 -3.17 -34.78 -9.98
N LEU C 106 -3.73 -33.56 -10.08
CA LEU C 106 -4.07 -32.95 -11.39
C LEU C 106 -2.82 -32.63 -12.21
N PHE C 107 -1.72 -32.21 -11.56
CA PHE C 107 -0.45 -31.92 -12.25
C PHE C 107 0.09 -33.19 -12.89
N ASN C 108 0.08 -34.32 -12.14
CA ASN C 108 0.51 -35.63 -12.62
C ASN C 108 -0.37 -36.14 -13.75
N PHE C 109 -1.70 -35.92 -13.63
CA PHE C 109 -2.66 -36.32 -14.68
C PHE C 109 -2.43 -35.51 -15.97
N CYS C 110 -1.89 -34.26 -15.85
CA CYS C 110 -1.60 -33.38 -16.99
C CYS C 110 -0.16 -33.49 -17.47
N SER C 111 0.51 -34.63 -17.13
CA SER C 111 1.89 -34.97 -17.54
C SER C 111 2.92 -33.98 -16.99
N ARG C 112 2.64 -33.43 -15.80
CA ARG C 112 3.52 -32.49 -15.10
C ARG C 112 3.81 -31.22 -15.93
N LYS C 113 2.76 -30.75 -16.63
CA LYS C 113 2.81 -29.54 -17.44
C LYS C 113 1.49 -28.81 -17.37
N PHE C 114 1.53 -27.56 -16.94
CA PHE C 114 0.36 -26.68 -16.87
C PHE C 114 0.62 -25.49 -17.78
N SER C 115 -0.40 -25.06 -18.57
CA SER C 115 -0.25 -23.87 -19.43
C SER C 115 -0.10 -22.64 -18.52
N LEU C 116 0.43 -21.54 -19.06
CA LEU C 116 0.55 -20.30 -18.29
C LEU C 116 -0.81 -19.85 -17.73
N LYS C 117 -1.90 -19.95 -18.55
CA LYS C 117 -3.25 -19.57 -18.14
C LYS C 117 -3.65 -20.33 -16.88
N THR C 118 -3.45 -21.67 -16.86
CA THR C 118 -3.77 -22.51 -15.70
C THR C 118 -2.99 -22.06 -14.45
N VAL C 119 -1.67 -21.86 -14.57
CA VAL C 119 -0.82 -21.38 -13.46
C VAL C 119 -1.35 -20.05 -12.90
N LEU C 120 -1.74 -19.11 -13.78
CA LEU C 120 -2.26 -17.80 -13.36
C LEU C 120 -3.65 -17.88 -12.71
N LEU C 121 -4.54 -18.74 -13.24
CA LEU C 121 -5.85 -18.95 -12.62
C LEU C 121 -5.68 -19.51 -11.18
N LEU C 122 -4.74 -20.47 -11.03
CA LEU C 122 -4.42 -21.09 -9.75
C LEU C 122 -3.77 -20.08 -8.79
N ALA C 123 -2.78 -19.31 -9.27
CA ALA C 123 -2.11 -18.30 -8.44
C ALA C 123 -3.12 -17.32 -7.81
N ASP C 124 -4.08 -16.81 -8.62
CA ASP C 124 -5.07 -15.83 -8.13
C ASP C 124 -5.85 -16.33 -6.91
N GLN C 125 -6.37 -17.57 -7.01
CA GLN C 125 -7.14 -18.19 -5.93
C GLN C 125 -6.26 -18.56 -4.73
N MET C 126 -5.07 -19.13 -5.00
CA MET C 126 -4.14 -19.58 -3.96
C MET C 126 -3.64 -18.42 -3.07
N ILE C 127 -3.40 -17.23 -3.66
CA ILE C 127 -3.00 -16.04 -2.90
C ILE C 127 -4.18 -15.68 -1.96
N SER C 128 -5.41 -15.70 -2.49
CA SER C 128 -6.62 -15.40 -1.72
C SER C 128 -6.89 -16.37 -0.58
N ARG C 129 -6.58 -17.68 -0.79
CA ARG C 129 -6.78 -18.69 0.26
C ARG C 129 -5.85 -18.39 1.40
N ILE C 130 -4.57 -18.09 1.07
CA ILE C 130 -3.52 -17.76 2.07
C ILE C 130 -3.89 -16.48 2.85
N GLU C 131 -4.36 -15.44 2.13
CA GLU C 131 -4.77 -14.19 2.75
C GLU C 131 -5.91 -14.40 3.75
N TYR C 132 -6.90 -15.25 3.41
CA TYR C 132 -8.00 -15.53 4.29
C TYR C 132 -7.52 -16.18 5.60
N ILE C 133 -6.65 -17.20 5.50
CA ILE C 133 -6.08 -17.89 6.66
C ILE C 133 -5.38 -16.88 7.58
N HIS C 134 -4.58 -15.96 6.98
CA HIS C 134 -3.85 -14.92 7.69
C HIS C 134 -4.82 -13.93 8.35
N SER C 135 -5.96 -13.61 7.69
CA SER C 135 -6.99 -12.70 8.25
C SER C 135 -7.64 -13.33 9.48
N LYS C 136 -7.54 -14.66 9.62
CA LYS C 136 -8.06 -15.40 10.76
C LYS C 136 -6.98 -15.72 11.81
N ASN C 137 -5.83 -14.97 11.73
CA ASN C 137 -4.73 -15.01 12.71
C ASN C 137 -3.87 -16.27 12.69
N PHE C 138 -3.95 -17.04 11.63
CA PHE C 138 -3.19 -18.26 11.49
C PHE C 138 -2.26 -18.20 10.29
N ILE C 139 -1.16 -18.95 10.38
CA ILE C 139 -0.26 -19.17 9.24
C ILE C 139 -0.38 -20.67 8.99
N HIS C 140 -0.38 -21.08 7.72
CA HIS C 140 -0.60 -22.48 7.35
C HIS C 140 0.62 -23.36 7.63
N ARG C 141 1.80 -22.88 7.18
CA ARG C 141 3.11 -23.51 7.36
C ARG C 141 3.42 -24.71 6.48
N ASP C 142 2.45 -25.19 5.68
CA ASP C 142 2.69 -26.30 4.77
C ASP C 142 2.04 -26.09 3.39
N VAL C 143 2.30 -24.94 2.80
CA VAL C 143 1.81 -24.58 1.48
C VAL C 143 2.53 -25.46 0.42
N LYS C 144 1.77 -26.40 -0.22
CA LYS C 144 2.27 -27.36 -1.20
C LYS C 144 1.11 -27.85 -2.11
N PRO C 145 1.36 -28.37 -3.36
CA PRO C 145 0.24 -28.78 -4.25
C PRO C 145 -0.76 -29.80 -3.68
N ASP C 146 -0.27 -30.69 -2.79
CA ASP C 146 -1.06 -31.73 -2.14
C ASP C 146 -2.12 -31.16 -1.18
N ASN C 147 -1.93 -29.94 -0.67
CA ASN C 147 -2.86 -29.28 0.29
C ASN C 147 -3.85 -28.32 -0.36
N PHE C 148 -3.90 -28.33 -1.69
CA PHE C 148 -4.89 -27.56 -2.44
C PHE C 148 -5.71 -28.56 -3.25
N LEU C 149 -7.02 -28.57 -3.04
CA LEU C 149 -7.91 -29.50 -3.75
C LEU C 149 -8.96 -28.75 -4.55
N MET C 150 -9.30 -29.25 -5.75
CA MET C 150 -10.37 -28.60 -6.52
C MET C 150 -11.69 -29.12 -5.95
N GLY C 151 -12.75 -28.31 -6.02
CA GLY C 151 -14.06 -28.75 -5.55
C GLY C 151 -14.67 -29.71 -6.55
N LEU C 152 -15.88 -30.20 -6.23
CA LEU C 152 -16.60 -31.08 -7.15
C LEU C 152 -17.90 -30.41 -7.59
N GLY C 153 -18.43 -30.87 -8.72
CA GLY C 153 -19.69 -30.41 -9.30
C GLY C 153 -19.75 -28.93 -9.55
N LYS C 154 -20.68 -28.26 -8.85
CA LYS C 154 -20.91 -26.81 -8.95
C LYS C 154 -19.73 -25.99 -8.42
N LYS C 155 -18.92 -26.60 -7.54
CA LYS C 155 -17.73 -25.98 -6.94
C LYS C 155 -16.44 -26.42 -7.63
N GLY C 156 -16.57 -27.03 -8.80
CA GLY C 156 -15.46 -27.53 -9.62
C GLY C 156 -14.40 -26.52 -10.05
N ASN C 157 -14.76 -25.23 -10.10
CA ASN C 157 -13.82 -24.15 -10.47
C ASN C 157 -13.08 -23.58 -9.26
N LEU C 158 -13.48 -24.00 -8.05
CA LEU C 158 -12.93 -23.51 -6.80
C LEU C 158 -11.74 -24.30 -6.27
N VAL C 159 -10.66 -23.58 -5.93
CA VAL C 159 -9.48 -24.16 -5.29
C VAL C 159 -9.79 -24.12 -3.78
N TYR C 160 -9.67 -25.26 -3.11
CA TYR C 160 -9.86 -25.35 -1.66
C TYR C 160 -8.50 -25.53 -1.02
N ILE C 161 -8.32 -25.02 0.19
CA ILE C 161 -7.08 -25.24 0.94
C ILE C 161 -7.43 -26.19 2.08
N ILE C 162 -6.56 -27.17 2.32
CA ILE C 162 -6.79 -28.16 3.39
C ILE C 162 -5.58 -28.26 4.30
N ASP C 163 -5.75 -29.08 5.37
CA ASP C 163 -4.75 -29.47 6.34
C ASP C 163 -4.21 -28.36 7.21
N PHE C 164 -4.77 -28.26 8.43
CA PHE C 164 -4.35 -27.28 9.42
C PHE C 164 -3.59 -27.93 10.57
N GLY C 165 -3.08 -29.14 10.32
CA GLY C 165 -2.30 -29.91 11.30
C GLY C 165 -1.01 -29.21 11.73
N LEU C 166 -0.36 -28.46 10.81
CA LEU C 166 0.87 -27.72 11.11
C LEU C 166 0.63 -26.22 11.33
N ALA C 167 -0.62 -25.77 11.21
CA ALA C 167 -1.01 -24.37 11.36
C ALA C 167 -0.75 -23.85 12.76
N LYS C 168 -0.43 -22.56 12.86
CA LYS C 168 -0.10 -21.92 14.12
C LYS C 168 -0.67 -20.51 14.15
N LYS C 169 -1.11 -20.04 15.32
CA LYS C 169 -1.58 -18.66 15.48
C LYS C 169 -0.32 -17.76 15.44
N TYR C 170 -0.29 -16.72 14.58
CA TYR C 170 0.89 -15.84 14.48
C TYR C 170 0.66 -14.53 15.26
N TYR C 181 9.79 -13.14 17.28
CA TYR C 181 10.88 -13.58 16.41
C TYR C 181 11.71 -14.65 17.12
N ARG C 182 11.74 -15.86 16.55
CA ARG C 182 12.50 -16.98 17.11
C ARG C 182 13.34 -17.64 16.03
N GLU C 183 14.50 -18.20 16.43
CA GLU C 183 15.50 -18.83 15.56
C GLU C 183 15.82 -20.30 15.96
N ASN C 184 15.15 -20.83 16.99
CA ASN C 184 15.35 -22.20 17.49
C ASN C 184 14.48 -23.21 16.71
N LYS C 185 13.49 -22.71 15.94
CA LYS C 185 12.50 -23.44 15.13
C LYS C 185 13.00 -24.56 14.21
N ASN C 186 12.21 -25.65 14.13
CA ASN C 186 12.44 -26.83 13.29
C ASN C 186 11.73 -26.62 11.94
N LEU C 187 12.15 -27.37 10.88
CA LEU C 187 11.53 -27.23 9.56
C LEU C 187 10.12 -27.85 9.61
N THR C 188 9.12 -27.01 9.92
CA THR C 188 7.71 -27.39 9.95
C THR C 188 7.17 -27.16 8.54
N GLY C 189 6.89 -28.26 7.85
CA GLY C 189 6.38 -28.24 6.49
C GLY C 189 7.18 -29.17 5.60
N THR C 190 7.11 -28.94 4.30
CA THR C 190 7.82 -29.76 3.30
C THR C 190 9.07 -29.00 2.83
N ALA C 191 10.23 -29.68 2.87
CA ALA C 191 11.53 -29.11 2.48
C ALA C 191 11.57 -28.51 1.07
N ARG C 192 10.94 -29.19 0.07
CA ARG C 192 10.90 -28.72 -1.33
C ARG C 192 10.36 -27.29 -1.50
N TYR C 193 9.31 -26.95 -0.73
CA TYR C 193 8.64 -25.64 -0.83
C TYR C 193 8.96 -24.68 0.31
N ALA C 194 9.78 -25.09 1.28
CA ALA C 194 10.14 -24.23 2.41
C ALA C 194 10.86 -22.95 1.99
N SER C 195 10.57 -21.85 2.69
CA SER C 195 11.20 -20.56 2.43
C SER C 195 12.65 -20.64 2.89
N ILE C 196 13.51 -19.72 2.38
CA ILE C 196 14.91 -19.65 2.82
C ILE C 196 14.96 -19.38 4.34
N ASN C 197 14.08 -18.49 4.86
CA ASN C 197 13.99 -18.20 6.31
C ASN C 197 13.75 -19.49 7.11
N THR C 198 12.91 -20.41 6.60
CA THR C 198 12.61 -21.68 7.25
C THR C 198 13.87 -22.55 7.32
N HIS C 199 14.61 -22.67 6.21
CA HIS C 199 15.87 -23.43 6.17
C HIS C 199 16.87 -22.86 7.15
N LEU C 200 16.81 -21.53 7.38
CA LEU C 200 17.69 -20.86 8.34
C LEU C 200 17.29 -21.10 9.80
N GLY C 201 16.10 -21.67 10.01
CA GLY C 201 15.56 -21.98 11.33
C GLY C 201 14.77 -20.87 11.95
N ILE C 202 14.37 -19.87 11.17
CA ILE C 202 13.58 -18.72 11.65
C ILE C 202 12.11 -19.12 11.78
N GLU C 203 11.43 -18.61 12.82
CA GLU C 203 10.00 -18.82 13.07
C GLU C 203 9.24 -18.40 11.79
N GLN C 204 8.31 -19.24 11.33
CA GLN C 204 7.55 -18.96 10.13
C GLN C 204 6.52 -17.87 10.39
N SER C 205 6.31 -17.00 9.40
CA SER C 205 5.31 -15.94 9.51
C SER C 205 4.55 -15.86 8.19
N ARG C 206 3.72 -14.81 8.00
CA ARG C 206 2.91 -14.64 6.79
C ARG C 206 3.70 -14.71 5.48
N ARG C 207 4.87 -14.06 5.43
CA ARG C 207 5.75 -14.04 4.27
C ARG C 207 6.20 -15.44 3.79
N ASP C 208 6.36 -16.37 4.73
CA ASP C 208 6.83 -17.73 4.47
C ASP C 208 5.76 -18.55 3.74
N ASP C 209 4.47 -18.37 4.07
CA ASP C 209 3.38 -19.05 3.34
C ASP C 209 3.38 -18.56 1.87
N LEU C 210 3.60 -17.25 1.69
CA LEU C 210 3.62 -16.68 0.34
C LEU C 210 4.86 -17.07 -0.46
N GLU C 211 6.04 -17.17 0.19
CA GLU C 211 7.27 -17.56 -0.51
C GLU C 211 7.10 -19.01 -0.98
N SER C 212 6.58 -19.87 -0.09
CA SER C 212 6.26 -21.26 -0.43
C SER C 212 5.31 -21.32 -1.64
N LEU C 213 4.27 -20.44 -1.72
CA LEU C 213 3.40 -20.42 -2.88
C LEU C 213 4.20 -20.06 -4.14
N GLY C 214 5.19 -19.18 -4.02
CA GLY C 214 6.01 -18.82 -5.17
C GLY C 214 6.80 -19.97 -5.74
N TYR C 215 7.32 -20.89 -4.87
CA TYR C 215 8.04 -22.08 -5.35
C TYR C 215 7.06 -23.08 -5.98
N VAL C 216 5.83 -23.16 -5.43
CA VAL C 216 4.82 -24.07 -6.02
C VAL C 216 4.45 -23.65 -7.48
N LEU C 217 4.34 -22.32 -7.72
CA LEU C 217 4.02 -21.79 -9.05
C LEU C 217 5.14 -22.06 -10.03
N MET C 218 6.38 -21.91 -9.56
CA MET C 218 7.54 -22.21 -10.41
C MET C 218 7.66 -23.70 -10.68
N TYR C 219 7.30 -24.53 -9.71
CA TYR C 219 7.23 -25.98 -9.81
C TYR C 219 6.23 -26.37 -10.92
N PHE C 220 5.03 -25.70 -10.95
CA PHE C 220 3.99 -25.93 -11.97
C PHE C 220 4.48 -25.50 -13.35
N ASN C 221 5.29 -24.43 -13.41
CA ASN C 221 5.87 -23.93 -14.66
C ASN C 221 6.94 -24.86 -15.22
N LEU C 222 7.83 -25.37 -14.35
CA LEU C 222 9.00 -26.18 -14.74
C LEU C 222 8.78 -27.69 -14.83
N GLY C 223 7.84 -28.22 -14.06
CA GLY C 223 7.61 -29.65 -13.94
C GLY C 223 8.39 -30.23 -12.78
N SER C 224 9.39 -29.45 -12.29
CA SER C 224 10.29 -29.84 -11.20
C SER C 224 11.00 -28.58 -10.67
N LEU C 225 11.59 -28.66 -9.47
CA LEU C 225 12.39 -27.56 -8.92
C LEU C 225 13.86 -28.01 -8.93
N PRO C 226 14.83 -27.06 -9.02
CA PRO C 226 16.25 -27.46 -9.11
C PRO C 226 16.82 -28.22 -7.90
N TRP C 227 16.17 -28.09 -6.74
CA TRP C 227 16.60 -28.71 -5.47
C TRP C 227 15.82 -29.98 -5.17
N GLN C 228 15.03 -30.43 -6.15
CA GLN C 228 14.23 -31.65 -6.06
C GLN C 228 15.11 -32.83 -6.49
N GLY C 229 14.97 -33.96 -5.78
CA GLY C 229 15.71 -35.19 -6.04
C GLY C 229 17.22 -35.15 -5.91
N LEU C 230 17.76 -34.42 -4.89
CA LEU C 230 19.22 -34.35 -4.69
C LEU C 230 19.71 -35.58 -3.93
N LYS C 231 20.94 -36.06 -4.26
CA LYS C 231 21.60 -37.23 -3.63
C LYS C 231 21.80 -36.96 -2.13
N ALA C 232 21.28 -37.87 -1.28
CA ALA C 232 21.37 -37.78 0.19
C ALA C 232 21.11 -39.12 0.87
N ALA C 233 21.91 -39.45 1.89
CA ALA C 233 21.80 -40.67 2.67
C ALA C 233 21.00 -40.44 3.96
N THR C 234 20.90 -39.17 4.41
CA THR C 234 20.19 -38.75 5.63
C THR C 234 19.20 -37.60 5.30
N LYS C 235 18.02 -37.58 5.97
CA LYS C 235 17.02 -36.52 5.80
C LYS C 235 17.51 -35.16 6.32
N ARG C 236 18.36 -35.17 7.38
CA ARG C 236 18.98 -33.95 7.95
C ARG C 236 19.93 -33.36 6.91
N GLN C 237 20.66 -34.25 6.21
CA GLN C 237 21.59 -33.94 5.13
C GLN C 237 20.82 -33.54 3.87
N LYS C 238 19.68 -34.23 3.58
CA LYS C 238 18.77 -33.93 2.46
C LYS C 238 18.29 -32.48 2.58
N TYR C 239 17.82 -32.09 3.79
CA TYR C 239 17.38 -30.72 4.10
C TYR C 239 18.54 -29.72 3.92
N GLU C 240 19.77 -30.09 4.33
CA GLU C 240 20.98 -29.25 4.18
C GLU C 240 21.32 -29.03 2.69
N ARG C 241 21.21 -30.10 1.86
CA ARG C 241 21.46 -30.08 0.42
C ARG C 241 20.46 -29.14 -0.30
N ILE C 242 19.18 -29.17 0.13
CA ILE C 242 18.08 -28.37 -0.47
C ILE C 242 18.31 -26.92 -0.13
N SER C 243 18.59 -26.65 1.17
CA SER C 243 18.89 -25.32 1.70
C SER C 243 20.05 -24.68 0.92
N GLU C 244 21.16 -25.43 0.74
CA GLU C 244 22.35 -24.98 0.00
C GLU C 244 22.00 -24.67 -1.45
N LYS C 245 21.24 -25.57 -2.11
CA LYS C 245 20.83 -25.41 -3.51
C LYS C 245 19.88 -24.20 -3.68
N LYS C 246 18.91 -24.03 -2.76
CA LYS C 246 17.97 -22.91 -2.78
C LYS C 246 18.72 -21.57 -2.65
N MET C 247 19.64 -21.50 -1.67
CA MET C 247 20.43 -20.30 -1.40
C MET C 247 21.44 -19.95 -2.48
N SER C 248 21.89 -20.94 -3.28
CA SER C 248 22.84 -20.71 -4.35
C SER C 248 22.18 -20.54 -5.74
N THR C 249 20.84 -20.66 -5.81
CA THR C 249 20.10 -20.50 -7.06
C THR C 249 19.46 -19.09 -7.12
N PRO C 250 20.04 -18.10 -7.85
CA PRO C 250 19.36 -16.78 -7.95
C PRO C 250 17.93 -16.90 -8.48
N ILE C 251 17.02 -16.04 -8.02
CA ILE C 251 15.61 -16.05 -8.46
C ILE C 251 15.51 -15.86 -9.98
N GLU C 252 16.39 -15.05 -10.55
CA GLU C 252 16.42 -14.80 -12.00
C GLU C 252 16.81 -16.09 -12.76
N VAL C 253 17.62 -16.98 -12.16
CA VAL C 253 18.02 -18.26 -12.78
C VAL C 253 16.88 -19.27 -12.63
N LEU C 254 16.25 -19.31 -11.44
CA LEU C 254 15.11 -20.19 -11.18
C LEU C 254 13.99 -19.90 -12.20
N CYS C 255 13.69 -18.60 -12.40
CA CYS C 255 12.59 -18.15 -13.25
C CYS C 255 12.93 -17.87 -14.72
N LYS C 256 14.17 -18.17 -15.14
CA LYS C 256 14.63 -17.94 -16.52
C LYS C 256 13.72 -18.62 -17.57
N GLY C 257 13.35 -17.86 -18.59
CA GLY C 257 12.47 -18.31 -19.67
C GLY C 257 10.98 -18.15 -19.36
N TYR C 258 10.63 -17.70 -18.12
CA TYR C 258 9.25 -17.51 -17.71
C TYR C 258 8.93 -16.04 -17.49
N PRO C 259 7.66 -15.59 -17.56
CA PRO C 259 7.37 -14.15 -17.33
C PRO C 259 7.98 -13.61 -16.03
N SER C 260 8.52 -12.38 -16.10
CA SER C 260 9.19 -11.71 -14.97
C SER C 260 8.38 -11.69 -13.66
N GLU C 261 7.00 -11.75 -13.77
CA GLU C 261 6.09 -11.70 -12.60
C GLU C 261 6.40 -12.74 -11.55
N PHE C 262 6.82 -13.94 -11.99
CA PHE C 262 7.17 -15.03 -11.05
C PHE C 262 8.38 -14.67 -10.22
N ALA C 263 9.36 -13.99 -10.83
CA ALA C 263 10.59 -13.52 -10.16
C ALA C 263 10.28 -12.35 -9.23
N THR C 264 9.47 -11.38 -9.71
CA THR C 264 9.06 -10.19 -8.95
C THR C 264 8.30 -10.63 -7.69
N TYR C 265 7.43 -11.66 -7.83
CA TYR C 265 6.65 -12.24 -6.74
C TYR C 265 7.58 -12.78 -5.68
N LEU C 266 8.56 -13.65 -6.10
CA LEU C 266 9.51 -14.24 -5.12
C LEU C 266 10.44 -13.22 -4.47
N ASN C 267 10.86 -12.20 -5.24
CA ASN C 267 11.70 -11.12 -4.71
C ASN C 267 10.96 -10.30 -3.67
N PHE C 268 9.66 -10.02 -3.90
CA PHE C 268 8.80 -9.30 -2.96
C PHE C 268 8.67 -10.10 -1.65
N CYS C 269 8.38 -11.41 -1.75
CA CYS C 269 8.25 -12.28 -0.56
C CYS C 269 9.55 -12.32 0.27
N ARG C 270 10.70 -12.40 -0.41
CA ARG C 270 12.02 -12.42 0.24
C ARG C 270 12.37 -11.08 0.86
N SER C 271 11.71 -10.00 0.43
CA SER C 271 11.98 -8.66 0.98
C SER C 271 11.13 -8.35 2.23
N LEU C 272 10.07 -9.11 2.44
CA LEU C 272 9.16 -8.91 3.56
C LEU C 272 9.83 -9.10 4.91
N ARG C 273 9.49 -8.21 5.86
CA ARG C 273 10.02 -8.33 7.22
C ARG C 273 9.20 -9.36 7.97
N PHE C 274 9.77 -9.90 9.06
CA PHE C 274 9.11 -10.91 9.86
C PHE C 274 7.65 -10.59 10.20
N ASP C 275 7.39 -9.39 10.73
CA ASP C 275 6.01 -9.05 11.14
C ASP C 275 5.20 -8.24 10.12
N ASP C 276 5.74 -8.06 8.90
CA ASP C 276 5.06 -7.33 7.84
C ASP C 276 3.77 -7.99 7.41
N LYS C 277 2.74 -7.17 7.19
CA LYS C 277 1.48 -7.60 6.60
C LYS C 277 1.77 -7.57 5.09
N PRO C 278 1.70 -8.72 4.37
CA PRO C 278 1.99 -8.68 2.93
C PRO C 278 0.97 -7.91 2.14
N ASP C 279 1.39 -7.34 1.01
CA ASP C 279 0.45 -6.63 0.14
C ASP C 279 -0.13 -7.66 -0.85
N TYR C 280 -1.13 -8.44 -0.39
CA TYR C 280 -1.79 -9.51 -1.17
C TYR C 280 -2.39 -9.00 -2.48
N SER C 281 -3.01 -7.79 -2.44
CA SER C 281 -3.64 -7.11 -3.56
C SER C 281 -2.59 -6.83 -4.65
N TYR C 282 -1.40 -6.36 -4.26
CA TYR C 282 -0.32 -6.12 -5.19
C TYR C 282 0.11 -7.42 -5.92
N LEU C 283 0.29 -8.50 -5.17
CA LEU C 283 0.70 -9.81 -5.69
C LEU C 283 -0.35 -10.39 -6.65
N ARG C 284 -1.66 -10.26 -6.32
CA ARG C 284 -2.72 -10.73 -7.22
C ARG C 284 -2.75 -9.87 -8.49
N GLN C 285 -2.52 -8.54 -8.36
CA GLN C 285 -2.48 -7.59 -9.47
C GLN C 285 -1.31 -7.86 -10.43
N LEU C 286 -0.15 -8.31 -9.89
CA LEU C 286 1.04 -8.67 -10.67
C LEU C 286 0.61 -9.74 -11.68
N PHE C 287 -0.03 -10.81 -11.18
CA PHE C 287 -0.48 -11.91 -12.04
C PHE C 287 -1.65 -11.56 -12.93
N ARG C 288 -2.57 -10.72 -12.41
CA ARG C 288 -3.75 -10.24 -13.16
C ARG C 288 -3.34 -9.39 -14.36
N ASN C 289 -2.34 -8.48 -14.20
CA ASN C 289 -1.86 -7.64 -15.30
C ASN C 289 -1.24 -8.50 -16.40
N LEU C 290 -0.46 -9.53 -16.01
CA LEU C 290 0.15 -10.47 -16.94
C LEU C 290 -0.93 -11.28 -17.68
N PHE C 291 -1.96 -11.73 -16.93
CA PHE C 291 -3.12 -12.47 -17.47
C PHE C 291 -3.79 -11.65 -18.58
N HIS C 292 -4.00 -10.33 -18.33
CA HIS C 292 -4.62 -9.42 -19.30
C HIS C 292 -3.73 -9.15 -20.52
N ARG C 293 -2.39 -8.99 -20.31
CA ARG C 293 -1.39 -8.77 -21.35
C ARG C 293 -1.36 -9.99 -22.29
N GLN C 294 -1.56 -11.19 -21.73
CA GLN C 294 -1.62 -12.43 -22.52
C GLN C 294 -2.96 -12.61 -23.26
N GLY C 295 -3.97 -11.80 -22.92
CA GLY C 295 -5.29 -11.85 -23.54
C GLY C 295 -6.17 -12.99 -23.10
N PHE C 296 -5.87 -13.59 -21.93
CA PHE C 296 -6.66 -14.70 -21.41
C PHE C 296 -7.99 -14.23 -20.81
N SER C 297 -9.00 -15.12 -20.84
CA SER C 297 -10.30 -14.84 -20.24
C SER C 297 -10.42 -15.57 -18.92
N TYR C 298 -10.99 -14.87 -17.93
CA TYR C 298 -11.16 -15.44 -16.60
C TYR C 298 -12.46 -16.23 -16.64
N ASP C 299 -12.36 -17.47 -17.18
CA ASP C 299 -13.50 -18.37 -17.44
C ASP C 299 -13.43 -19.69 -16.71
N TYR C 300 -12.42 -19.89 -15.83
CA TYR C 300 -12.17 -21.10 -15.04
C TYR C 300 -12.01 -22.37 -15.90
N VAL C 301 -11.47 -22.24 -17.11
CA VAL C 301 -11.25 -23.41 -17.95
C VAL C 301 -9.77 -23.74 -17.75
N PHE C 302 -9.50 -24.71 -16.89
CA PHE C 302 -8.16 -25.18 -16.55
C PHE C 302 -7.73 -26.24 -17.54
N ASP C 303 -6.42 -26.60 -17.58
CA ASP C 303 -5.94 -27.61 -18.52
C ASP C 303 -6.73 -28.92 -18.48
N TRP C 304 -7.02 -29.42 -17.27
CA TRP C 304 -7.75 -30.69 -17.07
C TRP C 304 -9.17 -30.67 -17.59
N ASN C 305 -9.80 -29.48 -17.70
CA ASN C 305 -11.16 -29.38 -18.23
C ASN C 305 -11.24 -29.64 -19.76
N MET C 306 -10.08 -29.64 -20.43
CA MET C 306 -9.99 -29.88 -21.88
C MET C 306 -9.72 -31.35 -22.23
N LEU C 307 -9.42 -32.17 -21.20
CA LEU C 307 -9.10 -33.60 -21.30
C LEU C 307 -10.37 -34.45 -21.34
N LEU D 17 63.03 15.02 -7.18
CA LEU D 17 63.21 14.37 -8.48
C LEU D 17 62.29 14.93 -9.55
N ARG D 18 62.85 15.26 -10.74
CA ARG D 18 62.10 15.85 -11.85
C ARG D 18 61.22 14.82 -12.56
N VAL D 19 59.96 15.20 -12.84
CA VAL D 19 58.96 14.37 -13.51
C VAL D 19 58.26 15.22 -14.60
N GLY D 20 58.34 14.77 -15.84
CA GLY D 20 57.73 15.41 -17.01
C GLY D 20 57.90 16.90 -17.15
N ASN D 21 59.14 17.40 -16.95
CA ASN D 21 59.57 18.81 -17.06
C ASN D 21 59.00 19.82 -16.05
N ARG D 22 57.81 19.58 -15.48
CA ARG D 22 57.19 20.54 -14.54
C ARG D 22 56.80 19.98 -13.17
N TYR D 23 56.95 18.66 -12.95
CA TYR D 23 56.60 18.09 -11.65
C TYR D 23 57.82 17.67 -10.85
N ARG D 24 57.75 17.93 -9.54
CA ARG D 24 58.81 17.57 -8.59
C ARG D 24 58.24 16.47 -7.72
N LEU D 25 58.91 15.29 -7.72
CA LEU D 25 58.46 14.12 -6.97
C LEU D 25 58.87 14.23 -5.49
N GLY D 26 57.90 13.98 -4.61
CA GLY D 26 58.04 13.99 -3.16
C GLY D 26 57.98 12.59 -2.59
N ARG D 27 57.49 12.47 -1.35
CA ARG D 27 57.42 11.18 -0.64
C ARG D 27 56.09 10.46 -0.72
N LYS D 28 56.11 9.14 -0.42
CA LYS D 28 54.94 8.25 -0.46
C LYS D 28 53.79 8.73 0.43
N ILE D 29 52.56 8.63 -0.07
CA ILE D 29 51.31 9.00 0.62
C ILE D 29 50.25 7.87 0.47
N GLY D 30 50.74 6.63 0.30
CA GLY D 30 49.89 5.45 0.13
C GLY D 30 49.89 4.93 -1.30
N ASP D 36 52.54 2.60 -6.15
CA ASP D 36 52.56 3.50 -5.00
C ASP D 36 52.22 4.95 -5.40
N ILE D 37 51.55 5.66 -4.49
CA ILE D 37 51.11 7.04 -4.66
C ILE D 37 52.02 7.99 -3.85
N TYR D 38 52.56 9.02 -4.50
CA TYR D 38 53.49 9.97 -3.89
C TYR D 38 52.96 11.40 -3.91
N LEU D 39 53.54 12.27 -3.08
CA LEU D 39 53.20 13.68 -3.07
C LEU D 39 54.06 14.33 -4.15
N GLY D 40 53.56 15.40 -4.75
CA GLY D 40 54.29 16.10 -5.78
C GLY D 40 53.91 17.56 -5.86
N THR D 41 54.67 18.31 -6.61
CA THR D 41 54.37 19.71 -6.84
C THR D 41 54.37 20.00 -8.32
N ASP D 42 53.32 20.68 -8.80
CA ASP D 42 53.30 21.19 -10.16
C ASP D 42 54.09 22.51 -10.01
N ILE D 43 55.36 22.49 -10.41
CA ILE D 43 56.29 23.64 -10.33
C ILE D 43 55.79 24.87 -11.13
N ALA D 44 55.23 24.65 -12.33
CA ALA D 44 54.75 25.74 -13.17
C ALA D 44 53.50 26.45 -12.64
N ALA D 45 52.54 25.70 -12.08
CA ALA D 45 51.28 26.23 -11.55
C ALA D 45 51.29 26.57 -10.04
N GLY D 46 52.30 26.09 -9.31
CA GLY D 46 52.39 26.32 -7.87
C GLY D 46 51.28 25.61 -7.12
N GLU D 47 51.11 24.30 -7.40
CA GLU D 47 50.07 23.47 -6.78
C GLU D 47 50.60 22.09 -6.46
N GLU D 48 50.14 21.53 -5.36
CA GLU D 48 50.52 20.18 -4.95
C GLU D 48 49.68 19.21 -5.73
N VAL D 49 50.28 18.07 -6.08
CA VAL D 49 49.63 17.02 -6.87
C VAL D 49 49.91 15.66 -6.22
N ALA D 50 49.25 14.62 -6.72
CA ALA D 50 49.47 13.23 -6.32
C ALA D 50 49.99 12.50 -7.55
N ILE D 51 51.06 11.71 -7.35
CA ILE D 51 51.72 11.02 -8.44
C ILE D 51 51.74 9.50 -8.23
N LYS D 52 51.24 8.74 -9.23
CA LYS D 52 51.27 7.28 -9.18
C LYS D 52 52.39 6.79 -10.07
N LEU D 53 53.26 5.95 -9.50
CA LEU D 53 54.40 5.35 -10.20
C LEU D 53 54.22 3.84 -10.39
N GLU D 54 54.56 3.32 -11.59
CA GLU D 54 54.53 1.90 -11.94
C GLU D 54 55.89 1.52 -12.49
N CYS D 55 56.50 0.45 -11.95
CA CYS D 55 57.80 -0.04 -12.41
C CYS D 55 57.65 -0.91 -13.65
N PRO D 61 51.24 -5.12 -15.27
CA PRO D 61 51.20 -3.73 -15.76
C PRO D 61 49.76 -3.27 -15.96
N GLN D 62 49.39 -2.18 -15.28
CA GLN D 62 48.01 -1.67 -15.27
C GLN D 62 47.85 -0.15 -15.36
N LEU D 63 48.90 0.65 -14.99
CA LEU D 63 48.85 2.13 -14.99
C LEU D 63 48.28 2.70 -16.29
N HIS D 64 48.77 2.23 -17.43
CA HIS D 64 48.33 2.68 -18.75
C HIS D 64 46.83 2.43 -18.97
N ILE D 65 46.35 1.22 -18.62
CA ILE D 65 44.94 0.86 -18.78
C ILE D 65 44.08 1.79 -17.88
N GLU D 66 44.47 1.90 -16.61
CA GLU D 66 43.80 2.73 -15.61
C GLU D 66 43.71 4.22 -16.02
N SER D 67 44.80 4.78 -16.62
CA SER D 67 44.84 6.18 -17.08
C SER D 67 43.80 6.43 -18.16
N LYS D 68 43.61 5.44 -19.06
CA LYS D 68 42.59 5.45 -20.13
C LYS D 68 41.18 5.52 -19.53
N ILE D 69 40.96 4.80 -18.38
CA ILE D 69 39.68 4.82 -17.69
C ILE D 69 39.44 6.19 -17.07
N TYR D 70 40.43 6.71 -16.32
CA TYR D 70 40.34 8.05 -15.72
C TYR D 70 40.05 9.11 -16.79
N LYS D 71 40.75 9.02 -17.96
CA LYS D 71 40.62 9.92 -19.12
C LYS D 71 39.17 9.92 -19.64
N MET D 72 38.58 8.72 -19.80
CA MET D 72 37.20 8.57 -20.23
C MET D 72 36.22 9.18 -19.20
N MET D 73 36.57 9.10 -17.89
CA MET D 73 35.74 9.59 -16.78
C MET D 73 35.84 11.11 -16.54
N GLN D 74 36.85 11.78 -17.15
CA GLN D 74 37.09 13.23 -16.98
C GLN D 74 35.82 14.07 -17.25
N GLY D 75 35.60 15.09 -16.44
CA GLY D 75 34.43 15.95 -16.58
C GLY D 75 33.33 15.63 -15.58
N GLY D 76 33.30 14.38 -15.13
CA GLY D 76 32.33 13.92 -14.15
C GLY D 76 32.63 14.49 -12.78
N VAL D 77 31.57 14.81 -12.02
CA VAL D 77 31.67 15.35 -10.65
C VAL D 77 32.34 14.26 -9.78
N GLY D 78 33.35 14.63 -9.02
CA GLY D 78 34.03 13.70 -8.13
C GLY D 78 34.93 12.68 -8.82
N ILE D 79 35.36 13.02 -10.02
CA ILE D 79 36.32 12.23 -10.77
C ILE D 79 37.63 13.04 -10.70
N PRO D 80 38.69 12.50 -10.09
CA PRO D 80 39.94 13.29 -9.99
C PRO D 80 40.52 13.59 -11.36
N THR D 81 40.91 14.86 -11.56
CA THR D 81 41.45 15.32 -12.83
C THR D 81 42.82 14.75 -13.07
N ILE D 82 43.05 14.28 -14.31
CA ILE D 82 44.31 13.78 -14.82
C ILE D 82 45.08 15.01 -15.33
N ARG D 83 46.24 15.32 -14.71
CA ARG D 83 47.08 16.47 -15.05
C ARG D 83 48.07 16.16 -16.20
N TRP D 84 48.72 14.99 -16.12
CA TRP D 84 49.74 14.53 -17.06
C TRP D 84 49.89 12.99 -16.99
N CYS D 85 50.27 12.39 -18.14
CA CYS D 85 50.52 10.97 -18.38
C CYS D 85 51.82 10.86 -19.14
N GLY D 86 52.72 9.99 -18.67
CA GLY D 86 54.01 9.78 -19.30
C GLY D 86 54.84 8.69 -18.66
N ALA D 87 56.14 8.66 -18.99
CA ALA D 87 57.11 7.69 -18.49
C ALA D 87 58.49 8.32 -18.53
N GLU D 88 59.14 8.45 -17.36
CA GLU D 88 60.46 9.06 -17.24
C GLU D 88 61.62 8.05 -17.36
N GLY D 89 62.21 7.65 -16.23
CA GLY D 89 63.32 6.70 -16.19
C GLY D 89 62.78 5.29 -16.29
N ASP D 90 62.84 4.55 -15.17
CA ASP D 90 62.33 3.17 -15.11
C ASP D 90 60.98 3.12 -14.41
N TYR D 91 60.12 4.13 -14.72
CA TYR D 91 58.76 4.25 -14.18
C TYR D 91 57.76 4.83 -15.16
N ASN D 92 56.55 4.27 -15.16
CA ASN D 92 55.40 4.80 -15.89
C ASN D 92 54.73 5.71 -14.85
N VAL D 93 54.45 6.96 -15.21
CA VAL D 93 53.92 7.96 -14.27
C VAL D 93 52.59 8.56 -14.63
N MET D 94 51.70 8.69 -13.62
CA MET D 94 50.39 9.31 -13.77
C MET D 94 50.30 10.43 -12.72
N VAL D 95 50.01 11.66 -13.16
CA VAL D 95 49.92 12.82 -12.27
C VAL D 95 48.46 13.27 -12.15
N MET D 96 47.97 13.36 -10.92
CA MET D 96 46.58 13.71 -10.66
C MET D 96 46.47 14.81 -9.61
N GLU D 97 45.35 15.55 -9.62
CA GLU D 97 45.10 16.58 -8.61
C GLU D 97 45.14 15.94 -7.20
N LEU D 98 45.58 16.71 -6.20
CA LEU D 98 45.67 16.25 -4.82
C LEU D 98 44.29 16.20 -4.14
N LEU D 99 43.97 15.06 -3.53
CA LEU D 99 42.71 14.83 -2.81
C LEU D 99 43.03 14.65 -1.34
N GLY D 100 41.97 14.69 -0.50
CA GLY D 100 42.08 14.53 0.94
C GLY D 100 42.01 13.09 1.41
N PRO D 101 41.72 12.87 2.71
CA PRO D 101 41.71 11.49 3.24
C PRO D 101 40.55 10.66 2.70
N SER D 102 40.72 9.32 2.72
CA SER D 102 39.66 8.39 2.32
C SER D 102 38.58 8.36 3.40
N LEU D 103 37.41 7.80 3.07
CA LEU D 103 36.33 7.64 4.05
C LEU D 103 36.74 6.64 5.14
N GLU D 104 37.61 5.65 4.81
CA GLU D 104 38.13 4.71 5.83
C GLU D 104 39.01 5.48 6.85
N ASP D 105 39.90 6.38 6.38
CA ASP D 105 40.76 7.20 7.23
C ASP D 105 39.88 8.08 8.12
N LEU D 106 38.87 8.73 7.52
CA LEU D 106 37.95 9.62 8.25
C LEU D 106 37.09 8.88 9.26
N PHE D 107 36.66 7.64 8.92
CA PHE D 107 35.86 6.80 9.82
C PHE D 107 36.68 6.45 11.08
N ASN D 108 37.96 6.04 10.87
CA ASN D 108 38.90 5.74 11.98
C ASN D 108 39.19 6.96 12.83
N PHE D 109 39.32 8.13 12.19
CA PHE D 109 39.54 9.39 12.89
C PHE D 109 38.33 9.79 13.74
N CYS D 110 37.10 9.35 13.33
CA CYS D 110 35.87 9.63 14.03
C CYS D 110 35.46 8.51 14.99
N SER D 111 36.45 7.68 15.41
CA SER D 111 36.29 6.56 16.36
C SER D 111 35.32 5.49 15.86
N ARG D 112 35.31 5.29 14.53
CA ARG D 112 34.48 4.31 13.84
C ARG D 112 32.98 4.50 14.13
N LYS D 113 32.55 5.77 14.17
CA LYS D 113 31.15 6.13 14.40
C LYS D 113 30.81 7.37 13.59
N PHE D 114 29.82 7.26 12.71
CA PHE D 114 29.33 8.36 11.88
C PHE D 114 27.87 8.59 12.25
N SER D 115 27.46 9.86 12.38
CA SER D 115 26.06 10.18 12.68
C SER D 115 25.20 9.78 11.46
N LEU D 116 23.88 9.63 11.64
CA LEU D 116 23.00 9.32 10.53
C LEU D 116 23.12 10.40 9.42
N LYS D 117 23.22 11.69 9.81
CA LYS D 117 23.35 12.79 8.85
C LYS D 117 24.57 12.59 7.95
N THR D 118 25.74 12.27 8.54
CA THR D 118 26.97 12.02 7.77
C THR D 118 26.75 10.85 6.78
N VAL D 119 26.23 9.72 7.26
CA VAL D 119 25.97 8.53 6.40
C VAL D 119 25.07 8.93 5.21
N LEU D 120 24.02 9.73 5.45
CA LEU D 120 23.09 10.15 4.38
C LEU D 120 23.71 11.16 3.41
N LEU D 121 24.56 12.08 3.90
CA LEU D 121 25.27 13.02 3.02
C LEU D 121 26.20 12.23 2.08
N LEU D 122 26.90 11.23 2.65
CA LEU D 122 27.80 10.35 1.91
C LEU D 122 27.05 9.46 0.93
N ALA D 123 25.94 8.81 1.37
CA ALA D 123 25.13 7.94 0.50
C ALA D 123 24.70 8.68 -0.79
N ASP D 124 24.19 9.93 -0.64
CA ASP D 124 23.69 10.71 -1.78
C ASP D 124 24.75 10.87 -2.90
N GLN D 125 25.98 11.27 -2.51
CA GLN D 125 27.08 11.45 -3.42
C GLN D 125 27.62 10.15 -3.96
N MET D 126 27.77 9.14 -3.10
CA MET D 126 28.31 7.83 -3.47
C MET D 126 27.46 7.11 -4.51
N ILE D 127 26.11 7.22 -4.42
CA ILE D 127 25.20 6.63 -5.41
C ILE D 127 25.46 7.34 -6.75
N SER D 128 25.61 8.69 -6.73
CA SER D 128 25.89 9.49 -7.92
C SER D 128 27.22 9.17 -8.57
N ARG D 129 28.25 8.90 -7.76
CA ARG D 129 29.57 8.54 -8.28
C ARG D 129 29.50 7.23 -9.05
N ILE D 130 28.81 6.24 -8.45
CA ILE D 130 28.60 4.91 -9.05
C ILE D 130 27.79 5.03 -10.34
N GLU D 131 26.73 5.86 -10.35
CA GLU D 131 25.89 6.05 -11.53
C GLU D 131 26.70 6.64 -12.68
N TYR D 132 27.59 7.63 -12.38
CA TYR D 132 28.42 8.21 -13.39
C TYR D 132 29.34 7.18 -14.03
N ILE D 133 30.03 6.35 -13.21
CA ILE D 133 30.92 5.29 -13.71
C ILE D 133 30.16 4.37 -14.63
N HIS D 134 28.94 3.96 -14.20
CA HIS D 134 28.06 3.09 -15.00
C HIS D 134 27.63 3.76 -16.32
N SER D 135 27.39 5.08 -16.32
CA SER D 135 27.01 5.87 -17.52
C SER D 135 28.18 5.89 -18.52
N LYS D 136 29.41 5.63 -18.03
CA LYS D 136 30.62 5.59 -18.86
C LYS D 136 31.04 4.15 -19.20
N ASN D 137 30.09 3.22 -19.09
CA ASN D 137 30.17 1.82 -19.52
C ASN D 137 31.07 0.92 -18.65
N PHE D 138 31.39 1.37 -17.44
CA PHE D 138 32.24 0.62 -16.54
C PHE D 138 31.55 0.29 -15.24
N ILE D 139 31.95 -0.81 -14.62
CA ILE D 139 31.56 -1.20 -13.26
C ILE D 139 32.86 -1.10 -12.46
N HIS D 140 32.79 -0.61 -11.23
CA HIS D 140 33.98 -0.38 -10.39
C HIS D 140 34.57 -1.69 -9.84
N ARG D 141 33.70 -2.55 -9.28
CA ARG D 141 33.98 -3.88 -8.72
C ARG D 141 34.68 -3.91 -7.34
N ASP D 142 35.08 -2.73 -6.82
CA ASP D 142 35.73 -2.67 -5.50
C ASP D 142 35.25 -1.47 -4.69
N VAL D 143 33.92 -1.36 -4.55
CA VAL D 143 33.27 -0.29 -3.78
C VAL D 143 33.53 -0.60 -2.29
N LYS D 144 34.31 0.28 -1.63
CA LYS D 144 34.73 0.18 -0.24
C LYS D 144 35.13 1.57 0.23
N PRO D 145 35.17 1.81 1.57
CA PRO D 145 35.51 3.16 2.07
C PRO D 145 36.86 3.74 1.64
N ASP D 146 37.87 2.86 1.46
CA ASP D 146 39.23 3.22 1.06
C ASP D 146 39.26 3.80 -0.38
N ASN D 147 38.21 3.50 -1.20
CA ASN D 147 38.15 3.96 -2.60
C ASN D 147 37.33 5.22 -2.85
N PHE D 148 36.96 5.90 -1.78
CA PHE D 148 36.25 7.18 -1.81
C PHE D 148 37.08 8.18 -1.01
N LEU D 149 37.46 9.30 -1.63
CA LEU D 149 38.27 10.31 -0.96
C LEU D 149 37.58 11.65 -0.95
N MET D 150 37.70 12.40 0.16
CA MET D 150 37.11 13.73 0.20
C MET D 150 38.08 14.69 -0.54
N GLY D 151 37.56 15.74 -1.16
CA GLY D 151 38.43 16.73 -1.82
C GLY D 151 39.10 17.59 -0.76
N LEU D 152 39.92 18.55 -1.20
CA LEU D 152 40.59 19.49 -0.30
C LEU D 152 40.11 20.91 -0.62
N GLY D 153 40.27 21.80 0.35
CA GLY D 153 39.93 23.21 0.28
C GLY D 153 38.50 23.48 -0.13
N LYS D 154 38.33 24.14 -1.29
CA LYS D 154 37.03 24.50 -1.85
C LYS D 154 36.21 23.27 -2.26
N LYS D 155 36.90 22.13 -2.53
CA LYS D 155 36.29 20.85 -2.92
C LYS D 155 36.14 19.90 -1.73
N GLY D 156 36.31 20.43 -0.51
CA GLY D 156 36.25 19.69 0.74
C GLY D 156 34.93 18.99 1.04
N ASN D 157 33.81 19.46 0.43
CA ASN D 157 32.45 18.93 0.58
C ASN D 157 32.18 17.77 -0.43
N LEU D 158 33.09 17.58 -1.38
CA LEU D 158 32.95 16.62 -2.48
C LEU D 158 33.58 15.27 -2.22
N VAL D 159 32.77 14.21 -2.45
CA VAL D 159 33.24 12.83 -2.36
C VAL D 159 33.78 12.50 -3.76
N TYR D 160 35.00 11.99 -3.82
CA TYR D 160 35.64 11.58 -5.08
C TYR D 160 35.69 10.07 -5.07
N ILE D 161 35.64 9.46 -6.24
CA ILE D 161 35.82 8.00 -6.35
C ILE D 161 37.19 7.77 -7.03
N ILE D 162 37.93 6.76 -6.59
CA ILE D 162 39.25 6.45 -7.11
C ILE D 162 39.41 4.95 -7.31
N ASP D 163 40.56 4.57 -7.88
CA ASP D 163 41.04 3.23 -8.14
C ASP D 163 40.19 2.44 -9.11
N PHE D 164 40.64 2.42 -10.38
CA PHE D 164 40.01 1.71 -11.45
C PHE D 164 40.80 0.47 -11.86
N GLY D 165 41.67 0.01 -10.97
CA GLY D 165 42.50 -1.18 -11.19
C GLY D 165 41.70 -2.46 -11.40
N LEU D 166 40.54 -2.60 -10.73
CA LEU D 166 39.67 -3.80 -10.87
C LEU D 166 38.44 -3.54 -11.74
N ALA D 167 38.30 -2.30 -12.27
CA ALA D 167 37.18 -1.89 -13.11
C ALA D 167 37.13 -2.66 -14.42
N LYS D 168 35.91 -2.87 -14.92
CA LYS D 168 35.68 -3.64 -16.14
C LYS D 168 34.56 -2.99 -16.96
N LYS D 169 34.67 -3.04 -18.29
CA LYS D 169 33.61 -2.55 -19.17
C LYS D 169 32.43 -3.56 -19.07
N TYR D 170 31.20 -3.05 -18.86
CA TYR D 170 30.03 -3.92 -18.73
C TYR D 170 29.06 -4.10 -19.93
N ARG D 171 28.84 -3.21 -20.95
CA ARG D 171 29.01 -1.79 -21.28
C ARG D 171 27.51 -1.31 -21.46
N ASP D 172 27.10 -0.06 -21.04
CA ASP D 172 25.66 0.35 -21.12
C ASP D 172 25.31 1.84 -20.76
N ALA D 173 26.23 2.80 -20.91
CA ALA D 173 25.95 4.23 -20.70
C ALA D 173 24.67 4.62 -19.91
N GLN D 177 25.32 -3.24 -25.40
CA GLN D 177 25.14 -4.68 -25.26
C GLN D 177 25.89 -5.13 -24.01
N HIS D 178 25.16 -5.65 -23.04
CA HIS D 178 25.71 -6.10 -21.76
C HIS D 178 26.63 -7.31 -21.93
N ILE D 179 27.67 -7.43 -21.08
CA ILE D 179 28.58 -8.58 -21.04
C ILE D 179 27.76 -9.85 -20.68
N PRO D 180 28.08 -11.03 -21.25
CA PRO D 180 27.27 -12.22 -20.94
C PRO D 180 27.33 -12.68 -19.48
N TYR D 181 26.28 -13.34 -19.04
CA TYR D 181 26.14 -13.93 -17.71
C TYR D 181 27.17 -15.04 -17.57
N ARG D 182 28.04 -14.96 -16.56
CA ARG D 182 29.06 -15.96 -16.34
C ARG D 182 29.04 -16.45 -14.90
N GLU D 183 29.33 -17.74 -14.68
CA GLU D 183 29.37 -18.34 -13.35
C GLU D 183 30.78 -18.81 -13.02
N ASN D 184 31.00 -19.29 -11.79
CA ASN D 184 32.29 -19.76 -11.26
C ASN D 184 33.46 -18.77 -11.51
N LYS D 185 33.28 -17.54 -11.00
CA LYS D 185 34.29 -16.48 -11.11
C LYS D 185 34.96 -16.28 -9.77
N ASN D 186 36.25 -15.90 -9.79
CA ASN D 186 37.00 -15.61 -8.56
C ASN D 186 36.49 -14.27 -8.00
N LEU D 187 36.55 -14.10 -6.68
CA LEU D 187 36.10 -12.90 -6.00
C LEU D 187 37.03 -11.68 -6.31
N THR D 188 36.62 -10.82 -7.28
CA THR D 188 37.38 -9.61 -7.63
C THR D 188 36.80 -8.43 -6.84
N GLY D 189 37.54 -8.02 -5.82
CA GLY D 189 37.17 -6.97 -4.89
C GLY D 189 37.54 -7.38 -3.48
N THR D 190 36.91 -6.76 -2.49
CA THR D 190 37.15 -7.05 -1.08
C THR D 190 36.00 -7.92 -0.53
N ALA D 191 36.33 -9.05 0.12
CA ALA D 191 35.36 -10.00 0.67
C ALA D 191 34.31 -9.37 1.62
N ARG D 192 34.74 -8.43 2.50
CA ARG D 192 33.85 -7.75 3.46
C ARG D 192 32.63 -7.07 2.80
N TYR D 193 32.84 -6.43 1.65
CA TYR D 193 31.79 -5.67 0.95
C TYR D 193 31.24 -6.35 -0.28
N ALA D 194 31.75 -7.55 -0.64
CA ALA D 194 31.26 -8.27 -1.82
C ALA D 194 29.78 -8.62 -1.74
N SER D 195 29.09 -8.54 -2.88
CA SER D 195 27.67 -8.89 -2.98
C SER D 195 27.54 -10.42 -2.80
N ILE D 196 26.32 -10.88 -2.46
CA ILE D 196 26.05 -12.32 -2.36
C ILE D 196 26.33 -13.00 -3.71
N ASN D 197 25.91 -12.35 -4.86
CA ASN D 197 26.16 -12.88 -6.22
C ASN D 197 27.67 -13.12 -6.44
N THR D 198 28.53 -12.22 -5.93
CA THR D 198 29.99 -12.33 -6.04
C THR D 198 30.49 -13.56 -5.28
N HIS D 199 30.03 -13.75 -4.03
CA HIS D 199 30.38 -14.93 -3.23
C HIS D 199 29.95 -16.22 -3.93
N LEU D 200 28.86 -16.15 -4.70
CA LEU D 200 28.36 -17.30 -5.48
C LEU D 200 29.20 -17.58 -6.75
N GLY D 201 30.07 -16.64 -7.11
CA GLY D 201 30.94 -16.76 -8.27
C GLY D 201 30.34 -16.21 -9.56
N ILE D 202 29.27 -15.42 -9.44
CA ILE D 202 28.61 -14.84 -10.61
C ILE D 202 29.33 -13.60 -11.09
N GLU D 203 29.38 -13.39 -12.44
CA GLU D 203 29.97 -12.20 -13.06
C GLU D 203 29.36 -10.93 -12.40
N GLN D 204 30.20 -9.97 -12.01
CA GLN D 204 29.75 -8.72 -11.40
C GLN D 204 29.09 -7.81 -12.42
N SER D 205 28.06 -7.07 -12.00
CA SER D 205 27.38 -6.13 -12.89
C SER D 205 27.03 -4.87 -12.09
N ARG D 206 26.21 -3.95 -12.66
CA ARG D 206 25.85 -2.69 -11.99
C ARG D 206 25.27 -2.87 -10.59
N ARG D 207 24.38 -3.85 -10.41
CA ARG D 207 23.75 -4.14 -9.12
C ARG D 207 24.73 -4.45 -8.00
N ASP D 208 25.86 -5.10 -8.33
CA ASP D 208 26.87 -5.53 -7.37
C ASP D 208 27.62 -4.32 -6.80
N ASP D 209 27.89 -3.27 -7.63
CA ASP D 209 28.53 -2.05 -7.10
C ASP D 209 27.58 -1.37 -6.07
N LEU D 210 26.27 -1.41 -6.37
CA LEU D 210 25.30 -0.79 -5.47
C LEU D 210 25.07 -1.63 -4.21
N GLU D 211 25.07 -2.98 -4.32
CA GLU D 211 24.91 -3.82 -3.14
C GLU D 211 26.09 -3.59 -2.19
N SER D 212 27.32 -3.58 -2.72
CA SER D 212 28.56 -3.29 -1.96
C SER D 212 28.44 -1.94 -1.27
N LEU D 213 27.92 -0.93 -1.97
CA LEU D 213 27.67 0.36 -1.35
C LEU D 213 26.72 0.21 -0.14
N GLY D 214 25.68 -0.61 -0.27
CA GLY D 214 24.76 -0.87 0.83
C GLY D 214 25.43 -1.41 2.08
N TYR D 215 26.39 -2.34 1.92
CA TYR D 215 27.17 -2.90 3.04
C TYR D 215 28.10 -1.83 3.62
N VAL D 216 28.66 -0.95 2.77
CA VAL D 216 29.53 0.18 3.18
C VAL D 216 28.72 1.11 4.10
N LEU D 217 27.48 1.43 3.71
CA LEU D 217 26.64 2.32 4.52
C LEU D 217 26.27 1.70 5.87
N MET D 218 25.96 0.38 5.90
CA MET D 218 25.69 -0.33 7.14
C MET D 218 26.93 -0.45 8.03
N TYR D 219 28.11 -0.60 7.41
CA TYR D 219 29.42 -0.62 8.06
C TYR D 219 29.63 0.70 8.80
N PHE D 220 29.31 1.84 8.12
CA PHE D 220 29.41 3.19 8.73
C PHE D 220 28.44 3.36 9.88
N ASN D 221 27.24 2.75 9.77
CA ASN D 221 26.23 2.79 10.83
C ASN D 221 26.61 1.96 12.06
N LEU D 222 27.17 0.77 11.86
CA LEU D 222 27.48 -0.18 12.93
C LEU D 222 28.88 -0.09 13.54
N GLY D 223 29.85 0.40 12.77
CA GLY D 223 31.25 0.45 13.17
C GLY D 223 31.98 -0.80 12.71
N SER D 224 31.20 -1.83 12.36
CA SER D 224 31.71 -3.14 11.93
C SER D 224 30.57 -3.88 11.20
N LEU D 225 30.89 -4.94 10.46
CA LEU D 225 29.87 -5.78 9.84
C LEU D 225 29.91 -7.15 10.55
N PRO D 226 28.78 -7.89 10.59
CA PRO D 226 28.77 -9.17 11.33
C PRO D 226 29.72 -10.26 10.85
N TRP D 227 30.14 -10.19 9.59
CA TRP D 227 31.02 -11.17 8.94
C TRP D 227 32.47 -10.70 8.93
N GLN D 228 32.75 -9.59 9.63
CA GLN D 228 34.08 -9.01 9.76
C GLN D 228 34.81 -9.69 10.91
N GLY D 229 36.10 -9.94 10.71
CA GLY D 229 37.00 -10.53 11.70
C GLY D 229 36.63 -11.93 12.17
N LEU D 230 36.22 -12.78 11.20
CA LEU D 230 35.87 -14.16 11.48
C LEU D 230 37.12 -15.03 11.54
N LYS D 231 37.16 -15.97 12.50
CA LYS D 231 38.23 -16.92 12.73
C LYS D 231 38.36 -17.85 11.52
N ALA D 232 39.56 -17.95 10.92
CA ALA D 232 39.81 -18.80 9.75
C ALA D 232 41.29 -19.14 9.61
N ALA D 233 41.59 -20.42 9.32
CA ALA D 233 42.96 -20.95 9.16
C ALA D 233 43.59 -20.64 7.78
N THR D 234 42.75 -20.40 6.75
CA THR D 234 43.17 -20.07 5.37
C THR D 234 42.27 -18.98 4.77
N LYS D 235 42.72 -18.36 3.66
CA LYS D 235 41.95 -17.36 2.91
C LYS D 235 40.69 -18.02 2.32
N ARG D 236 40.84 -19.23 1.74
CA ARG D 236 39.72 -19.99 1.18
C ARG D 236 38.63 -20.19 2.20
N GLN D 237 39.01 -20.65 3.42
CA GLN D 237 38.02 -20.84 4.49
C GLN D 237 37.50 -19.50 5.08
N LYS D 238 38.22 -18.39 4.85
CA LYS D 238 37.78 -17.07 5.32
C LYS D 238 36.64 -16.57 4.43
N TYR D 239 36.83 -16.59 3.08
CA TYR D 239 35.85 -16.15 2.10
C TYR D 239 34.58 -17.00 2.20
N GLU D 240 34.75 -18.32 2.44
CA GLU D 240 33.68 -19.30 2.61
C GLU D 240 32.84 -18.98 3.88
N ARG D 241 33.52 -18.58 4.97
CA ARG D 241 32.87 -18.23 6.23
C ARG D 241 32.14 -16.88 6.11
N ILE D 242 32.73 -15.89 5.42
CA ILE D 242 32.08 -14.58 5.19
C ILE D 242 30.81 -14.79 4.37
N SER D 243 30.92 -15.58 3.28
CA SER D 243 29.81 -15.92 2.39
C SER D 243 28.66 -16.57 3.17
N GLU D 244 28.99 -17.59 4.01
CA GLU D 244 28.05 -18.32 4.86
C GLU D 244 27.37 -17.40 5.88
N LYS D 245 28.15 -16.48 6.49
CA LYS D 245 27.65 -15.51 7.46
C LYS D 245 26.73 -14.46 6.75
N LYS D 246 27.12 -13.98 5.56
CA LYS D 246 26.33 -13.01 4.77
C LYS D 246 24.98 -13.61 4.35
N MET D 247 25.00 -14.87 3.89
CA MET D 247 23.80 -15.59 3.43
C MET D 247 22.88 -16.03 4.57
N SER D 248 23.40 -16.17 5.79
CA SER D 248 22.58 -16.57 6.93
C SER D 248 22.13 -15.36 7.80
N THR D 249 22.55 -14.13 7.44
CA THR D 249 22.17 -12.91 8.16
C THR D 249 21.04 -12.17 7.39
N PRO D 250 19.76 -12.30 7.80
CA PRO D 250 18.69 -11.55 7.09
C PRO D 250 18.96 -10.04 7.09
N ILE D 251 18.57 -9.34 6.00
CA ILE D 251 18.75 -7.88 5.87
C ILE D 251 18.07 -7.15 7.07
N GLU D 252 16.91 -7.66 7.54
CA GLU D 252 16.24 -7.05 8.69
C GLU D 252 17.06 -7.17 9.99
N VAL D 253 17.90 -8.22 10.12
CA VAL D 253 18.75 -8.43 11.30
C VAL D 253 19.99 -7.52 11.15
N LEU D 254 20.56 -7.46 9.95
CA LEU D 254 21.72 -6.62 9.67
C LEU D 254 21.38 -5.15 10.00
N CYS D 255 20.20 -4.69 9.56
CA CYS D 255 19.76 -3.30 9.70
C CYS D 255 18.93 -2.97 10.95
N LYS D 256 18.74 -3.94 11.87
CA LYS D 256 17.97 -3.76 13.12
C LYS D 256 18.44 -2.54 13.93
N GLY D 257 17.49 -1.69 14.32
CA GLY D 257 17.79 -0.49 15.11
C GLY D 257 18.15 0.73 14.28
N TYR D 258 18.23 0.58 12.94
CA TYR D 258 18.55 1.66 12.00
C TYR D 258 17.34 1.97 11.11
N PRO D 259 17.21 3.20 10.53
CA PRO D 259 16.05 3.47 9.65
C PRO D 259 15.87 2.41 8.55
N SER D 260 14.59 2.04 8.28
CA SER D 260 14.20 1.01 7.32
C SER D 260 14.81 1.21 5.92
N GLU D 261 15.17 2.46 5.57
CA GLU D 261 15.72 2.81 4.23
C GLU D 261 16.95 1.98 3.87
N PHE D 262 17.80 1.69 4.87
CA PHE D 262 19.03 0.89 4.64
C PHE D 262 18.67 -0.54 4.24
N ALA D 263 17.60 -1.09 4.84
CA ALA D 263 17.09 -2.44 4.51
C ALA D 263 16.40 -2.45 3.11
N THR D 264 15.56 -1.44 2.84
CA THR D 264 14.84 -1.25 1.57
C THR D 264 15.86 -1.14 0.42
N TYR D 265 16.97 -0.39 0.68
CA TYR D 265 18.07 -0.19 -0.29
C TYR D 265 18.69 -1.54 -0.63
N LEU D 266 19.07 -2.32 0.40
CA LEU D 266 19.72 -3.63 0.18
C LEU D 266 18.79 -4.65 -0.50
N ASN D 267 17.50 -4.63 -0.13
CA ASN D 267 16.50 -5.53 -0.72
C ASN D 267 16.32 -5.21 -2.22
N PHE D 268 16.29 -3.91 -2.55
CA PHE D 268 16.19 -3.46 -3.97
C PHE D 268 17.40 -3.94 -4.77
N CYS D 269 18.64 -3.77 -4.24
CA CYS D 269 19.86 -4.23 -4.92
C CYS D 269 19.88 -5.72 -5.15
N ARG D 270 19.42 -6.51 -4.16
CA ARG D 270 19.34 -7.98 -4.25
C ARG D 270 18.27 -8.44 -5.21
N SER D 271 17.28 -7.58 -5.52
CA SER D 271 16.20 -7.90 -6.46
C SER D 271 16.54 -7.59 -7.91
N LEU D 272 17.62 -6.85 -8.13
CA LEU D 272 18.01 -6.47 -9.49
C LEU D 272 18.47 -7.64 -10.31
N ARG D 273 18.07 -7.66 -11.58
CA ARG D 273 18.51 -8.72 -12.50
C ARG D 273 19.92 -8.39 -12.96
N PHE D 274 20.63 -9.41 -13.46
CA PHE D 274 22.00 -9.28 -13.93
C PHE D 274 22.19 -8.08 -14.87
N ASP D 275 21.37 -7.94 -15.92
CA ASP D 275 21.59 -6.83 -16.88
C ASP D 275 20.73 -5.58 -16.63
N ASP D 276 20.02 -5.55 -15.50
CA ASP D 276 19.15 -4.42 -15.15
C ASP D 276 19.90 -3.13 -14.97
N LYS D 277 19.31 -2.04 -15.46
CA LYS D 277 19.79 -0.69 -15.24
C LYS D 277 19.15 -0.32 -13.90
N PRO D 278 19.96 -0.07 -12.84
CA PRO D 278 19.36 0.27 -11.53
C PRO D 278 18.63 1.60 -11.55
N ASP D 279 17.60 1.74 -10.70
CA ASP D 279 16.89 3.01 -10.60
C ASP D 279 17.62 3.87 -9.54
N TYR D 280 18.72 4.53 -9.96
CA TYR D 280 19.58 5.36 -9.11
C TYR D 280 18.83 6.50 -8.43
N SER D 281 17.91 7.14 -9.17
CA SER D 281 17.06 8.23 -8.69
C SER D 281 16.19 7.78 -7.53
N TYR D 282 15.59 6.59 -7.64
CA TYR D 282 14.78 6.02 -6.56
C TYR D 282 15.61 5.82 -5.27
N LEU D 283 16.81 5.24 -5.41
CA LEU D 283 17.71 4.98 -4.29
C LEU D 283 18.16 6.28 -3.61
N ARG D 284 18.45 7.34 -4.40
CA ARG D 284 18.85 8.64 -3.82
C ARG D 284 17.64 9.27 -3.09
N GLN D 285 16.43 9.13 -3.69
CA GLN D 285 15.18 9.65 -3.12
C GLN D 285 14.80 8.97 -1.79
N LEU D 286 15.10 7.66 -1.66
CA LEU D 286 14.87 6.87 -0.44
C LEU D 286 15.59 7.57 0.71
N PHE D 287 16.90 7.83 0.52
CA PHE D 287 17.72 8.49 1.52
C PHE D 287 17.39 9.97 1.72
N ARG D 288 17.04 10.66 0.62
CA ARG D 288 16.66 12.07 0.66
C ARG D 288 15.39 12.29 1.48
N ASN D 289 14.37 11.43 1.30
CA ASN D 289 13.13 11.53 2.05
C ASN D 289 13.37 11.32 3.55
N LEU D 290 14.25 10.35 3.89
CA LEU D 290 14.62 10.08 5.30
C LEU D 290 15.38 11.29 5.88
N PHE D 291 16.30 11.88 5.08
CA PHE D 291 17.09 13.07 5.45
C PHE D 291 16.13 14.21 5.83
N HIS D 292 15.07 14.42 5.03
CA HIS D 292 14.09 15.49 5.27
C HIS D 292 13.21 15.20 6.50
N ARG D 293 12.80 13.91 6.70
CA ARG D 293 11.98 13.53 7.86
CA ARG D 293 12.00 13.44 7.86
C ARG D 293 12.78 13.71 9.16
N GLN D 294 14.12 13.57 9.09
CA GLN D 294 15.00 13.80 10.24
C GLN D 294 15.25 15.30 10.50
N GLY D 295 14.87 16.16 9.54
CA GLY D 295 15.04 17.61 9.65
C GLY D 295 16.47 18.10 9.44
N PHE D 296 17.30 17.29 8.77
CA PHE D 296 18.69 17.67 8.49
C PHE D 296 18.75 18.67 7.32
N SER D 297 19.80 19.51 7.30
CA SER D 297 20.05 20.45 6.23
C SER D 297 21.26 19.95 5.39
N TYR D 298 21.16 20.00 4.03
CA TYR D 298 22.25 19.58 3.11
C TYR D 298 23.27 20.75 3.07
N ASP D 299 24.03 20.91 4.18
CA ASP D 299 25.00 22.00 4.41
C ASP D 299 26.43 21.55 4.37
N TYR D 300 26.64 20.23 4.11
CA TYR D 300 27.94 19.58 3.98
C TYR D 300 28.80 19.67 5.23
N VAL D 301 28.15 19.72 6.41
CA VAL D 301 28.85 19.71 7.69
C VAL D 301 28.85 18.25 8.12
N PHE D 302 29.97 17.55 7.83
CA PHE D 302 30.14 16.14 8.14
C PHE D 302 30.68 16.03 9.58
N ASP D 303 30.67 14.82 10.18
CA ASP D 303 31.15 14.66 11.54
C ASP D 303 32.56 15.20 11.77
N TRP D 304 33.49 14.93 10.83
CA TRP D 304 34.88 15.37 10.93
C TRP D 304 35.07 16.88 10.93
N ASN D 305 34.11 17.64 10.35
CA ASN D 305 34.16 19.11 10.32
C ASN D 305 33.92 19.74 11.72
N MET D 306 33.39 18.95 12.66
CA MET D 306 33.09 19.40 14.02
C MET D 306 34.23 19.10 15.01
N LEU D 307 35.24 18.35 14.56
CA LEU D 307 36.43 17.96 15.33
C LEU D 307 37.50 19.04 15.31
#